data_8JIQ
#
_entry.id   8JIQ
#
loop_
_entity.id
_entity.type
_entity.pdbx_description
1 polymer 'Guanine nucleotide-binding protein G(s) subunit alpha isoforms short'
2 polymer 'Guanine nucleotide-binding protein G(I)/G(S)/G(T) subunit beta-1'
3 polymer 'Guanine nucleotide-binding protein G(I)/G(S)/G(O) subunit gamma-2'
4 polymer 'Peptide 15'
5 polymer 'Nanobody 35'
6 polymer 'Glucagon receptor'
#
loop_
_entity_poly.entity_id
_entity_poly.type
_entity_poly.pdbx_seq_one_letter_code
_entity_poly.pdbx_strand_id
1 'polypeptide(L)'
;MGCLGNSKTEDQRNEEKAQREANKKIEKQLQKDKQVYRATHRLLLLGAGESGKNTIVKQMRILHVNGFNGEGGEEDPQAA
RSNSDGEKATKVQDIKNNLKEAIETIVAAMSNLVPPVELANPENQFRVDYILSVMNVPDFDFPPEFYEHAKALTEDEGQR
NEEKAQREANKKIEKQYFLQKIDVIKQAVYRATHRLLLRCRVLGAGIFETKFQVDKVNFHMFDVGAQRDERRKWIQCFND
VTAIIFVVASSSYNMVIREDNQTNRLQAALKLFDSIWNNKWLRDTSVILFLNKQDLLAEKVLAGKSKIEDYFPEFARYTT
PEDATPEPGEDPRVTRAKYFIRDEFLRISTASGDGRHYCYPHFTCAVDTENIRRVFNDCRDIIQRMHLRQYELL
;
A
2 'polypeptide(L)'
;MGSLLQSELDQLRQEAEQLKNQIRDARKACADATLSQITNNIDPVGRIQMRTRRTLRGHLAKIYAMHWGTDSRLLVSASQ
DGKLIIWDSYTTNKVHAIPLRSSWVMTCAYAPSGNYVACGGLDNICSIYNLKTREGNVRVSRELAGHTGYLSCCRFLDDN
QIVTSSGDTTCALWDIETGQQTTTFTGHTGDVMSLSLAPDTRLFVSGACDASAKLWDVREGMCRQTFTGHESDINAICFF
PNGNAFATGSDDATCRLFDLRADQELMTYSHDNIICGITSVSFSKSGRLLLAGYDDFNCNVWDALKADRAGVLAGHDNRV
SCLGVTDDGMAVATGSWDSFLKIWN
;
B
3 'polypeptide(L)' ASNNTASIAQARKLVEQLKMEANIDRIKVSKAAADLMAYCEAHAKEDPLLTPVPASENPFREKKFFCAIL C
4 'polypeptide(L)' HSQGTFTSDYSKYLDEQAAKEFIAWLMNT E
5 'polypeptide(L)'
;MAQVQLQESGGGLVQPGGSLRLSCAASGFTFSNYKMNWVRQAPGKGLEWVSDISQSGASISYTGSVKGRFTISRDNAKNT
LYLQMNSLKPEDTAVYYCARCPAPFTRDCFDVTSTTYAYRGQGTQVTVSSHHHHHHEPEA
;
N
6 'polypeptide(L)'
;QVMDFLFEKWKLYGDQCHHNLSLLPPPTELVCNRTFDKYSCWPDTPANTTANISCPWYLPWHHKVQHRFVFKRCGPDGQW
VRGPRGQPWRDASQCQMDGEEIEVQKEVAKMYSSFQVMYTVGYSLSLGALLLALAILGGLSKLHCTRNAIHANLFASFVL
KASSVLVIDGLLRTRYSQKIGDDLSVSTWLSDGAVAGCRVAAVFMQYGIVANYCWLLVEGLYLHNLLGLATLPERSFFSL
YLGIGWGAPMLFVVPWAVVKCLFENVQCWTSNDNMGFWWILRFPVFLAILINFFIFVRIVQLLVAKLRARQMHHTDYKFR
LAKSTLTLIPLLGVHEVVFAFVTDEHAQGTLRSAKLFFDLFLSSFQGLLVAVLYCFLNKEVQSELRRRWHRWRLGKVLWE
ERNTS
;
R
#
# COMPACT_ATOMS: atom_id res chain seq x y z
N THR A 9 40.70 -17.24 1.40
CA THR A 9 40.11 -16.43 0.34
C THR A 9 39.23 -17.29 -0.57
N GLU A 10 39.86 -18.05 -1.46
CA GLU A 10 39.09 -18.93 -2.34
C GLU A 10 38.47 -20.09 -1.57
N ASP A 11 39.11 -20.51 -0.47
CA ASP A 11 38.57 -21.59 0.35
C ASP A 11 37.22 -21.22 0.96
N GLN A 12 36.89 -19.93 1.02
CA GLN A 12 35.55 -19.48 1.38
C GLN A 12 34.75 -19.03 0.17
N ARG A 13 35.42 -18.50 -0.86
CA ARG A 13 34.73 -18.01 -2.04
C ARG A 13 34.06 -19.15 -2.80
N ASN A 14 34.58 -20.38 -2.69
CA ASN A 14 33.95 -21.51 -3.36
C ASN A 14 32.54 -21.74 -2.82
N GLU A 15 32.42 -21.87 -1.49
CA GLU A 15 31.09 -22.07 -0.93
C GLU A 15 30.25 -20.80 -1.02
N GLU A 16 30.88 -19.63 -1.05
CA GLU A 16 30.12 -18.40 -1.30
C GLU A 16 29.47 -18.44 -2.67
N LYS A 17 30.20 -18.89 -3.69
CA LYS A 17 29.64 -18.99 -5.03
C LYS A 17 28.59 -20.09 -5.11
N ALA A 18 28.80 -21.19 -4.38
CA ALA A 18 27.78 -22.24 -4.34
C ALA A 18 26.49 -21.72 -3.74
N GLN A 19 26.59 -20.97 -2.64
CA GLN A 19 25.42 -20.37 -2.03
C GLN A 19 24.78 -19.35 -2.96
N ARG A 20 25.60 -18.61 -3.70
CA ARG A 20 25.07 -17.65 -4.67
C ARG A 20 24.30 -18.35 -5.77
N GLU A 21 24.80 -19.47 -6.26
CA GLU A 21 24.08 -20.23 -7.28
C GLU A 21 22.77 -20.78 -6.73
N ALA A 22 22.80 -21.27 -5.49
CA ALA A 22 21.57 -21.75 -4.86
C ALA A 22 20.56 -20.61 -4.73
N ASN A 23 21.03 -19.44 -4.32
CA ASN A 23 20.15 -18.26 -4.24
C ASN A 23 19.58 -17.91 -5.60
N LYS A 24 20.40 -17.99 -6.64
CA LYS A 24 19.94 -17.64 -7.99
C LYS A 24 18.84 -18.59 -8.45
N LYS A 25 19.05 -19.89 -8.27
CA LYS A 25 18.05 -20.85 -8.73
C LYS A 25 16.78 -20.76 -7.89
N ILE A 26 16.91 -20.53 -6.59
CA ILE A 26 15.74 -20.40 -5.73
C ILE A 26 14.97 -19.13 -6.07
N GLU A 27 15.68 -18.04 -6.39
CA GLU A 27 15.02 -16.81 -6.81
C GLU A 27 14.30 -17.00 -8.13
N LYS A 28 14.91 -17.76 -9.06
CA LYS A 28 14.24 -18.07 -10.31
C LYS A 28 12.96 -18.86 -10.07
N GLN A 29 13.02 -19.86 -9.17
CA GLN A 29 11.84 -20.63 -8.85
C GLN A 29 10.76 -19.75 -8.21
N LEU A 30 11.15 -18.86 -7.31
CA LEU A 30 10.20 -17.95 -6.69
C LEU A 30 9.55 -17.03 -7.72
N GLN A 31 10.35 -16.53 -8.67
CA GLN A 31 9.79 -15.69 -9.72
C GLN A 31 8.81 -16.46 -10.58
N LYS A 32 9.12 -17.72 -10.89
CA LYS A 32 8.20 -18.55 -11.65
C LYS A 32 6.91 -18.80 -10.87
N ASP A 33 7.01 -19.01 -9.56
CA ASP A 33 5.84 -19.33 -8.76
C ASP A 33 4.97 -18.09 -8.51
N LYS A 34 5.57 -16.91 -8.42
CA LYS A 34 4.80 -15.70 -8.19
C LYS A 34 3.85 -15.41 -9.34
N GLN A 35 4.25 -15.77 -10.57
CA GLN A 35 3.41 -15.49 -11.73
C GLN A 35 2.09 -16.23 -11.68
N VAL A 36 2.05 -17.38 -11.00
CA VAL A 36 0.81 -18.14 -10.90
C VAL A 36 0.15 -17.83 -9.56
N TYR A 37 0.95 -17.43 -8.56
CA TYR A 37 0.36 -17.05 -7.27
C TYR A 37 -0.47 -15.78 -7.41
N ARG A 38 0.03 -14.79 -8.15
CA ARG A 38 -0.72 -13.56 -8.36
C ARG A 38 -1.80 -13.69 -9.42
N ALA A 39 -1.80 -14.77 -10.20
CA ALA A 39 -2.79 -14.97 -11.24
C ALA A 39 -3.99 -15.80 -10.77
N THR A 40 -3.97 -16.27 -9.53
CA THR A 40 -5.08 -17.05 -8.99
C THR A 40 -5.78 -16.26 -7.89
N HIS A 41 -7.09 -16.47 -7.78
CA HIS A 41 -7.92 -15.75 -6.82
C HIS A 41 -8.26 -16.68 -5.67
N ARG A 42 -7.84 -16.30 -4.46
CA ARG A 42 -8.19 -17.04 -3.27
C ARG A 42 -9.54 -16.56 -2.74
N LEU A 43 -10.36 -17.51 -2.29
CA LEU A 43 -11.67 -17.17 -1.75
C LEU A 43 -11.82 -17.76 -0.36
N LEU A 44 -13.04 -17.71 0.20
CA LEU A 44 -13.30 -18.32 1.49
C LEU A 44 -14.80 -18.56 1.59
N LEU A 45 -15.18 -19.78 1.95
CA LEU A 45 -16.58 -20.15 2.07
C LEU A 45 -16.90 -20.48 3.52
N LEU A 46 -17.94 -19.83 4.05
CA LEU A 46 -18.40 -20.12 5.40
C LEU A 46 -19.90 -19.86 5.45
N GLY A 47 -20.61 -20.69 6.21
CA GLY A 47 -22.04 -20.61 6.32
C GLY A 47 -22.51 -19.81 7.52
N ALA A 48 -23.73 -20.11 7.96
CA ALA A 48 -24.30 -19.44 9.12
C ALA A 48 -23.55 -19.84 10.39
N GLY A 49 -23.32 -18.87 11.26
CA GLY A 49 -22.64 -19.12 12.51
C GLY A 49 -23.34 -18.52 13.71
N ILE A 207 -13.58 -32.18 2.99
CA ILE A 207 -13.09 -31.27 1.96
C ILE A 207 -12.60 -29.98 2.63
N PHE A 208 -11.50 -29.43 2.11
CA PHE A 208 -10.93 -28.20 2.64
C PHE A 208 -10.58 -27.18 1.58
N GLU A 209 -10.38 -27.57 0.33
CA GLU A 209 -10.00 -26.65 -0.73
C GLU A 209 -10.51 -27.18 -2.06
N THR A 210 -11.13 -26.31 -2.84
CA THR A 210 -11.64 -26.67 -4.17
C THR A 210 -11.09 -25.68 -5.19
N LYS A 211 -10.41 -26.19 -6.21
CA LYS A 211 -9.85 -25.37 -7.26
C LYS A 211 -10.68 -25.54 -8.53
N PHE A 212 -11.16 -24.43 -9.07
CA PHE A 212 -11.90 -24.46 -10.33
C PHE A 212 -11.43 -23.31 -11.21
N GLN A 213 -12.04 -23.18 -12.38
CA GLN A 213 -11.59 -22.21 -13.36
C GLN A 213 -12.79 -21.68 -14.14
N VAL A 214 -12.89 -20.36 -14.25
CA VAL A 214 -13.90 -19.71 -15.07
C VAL A 214 -13.18 -18.70 -15.96
N ASP A 215 -13.36 -18.84 -17.27
CA ASP A 215 -12.72 -17.96 -18.26
C ASP A 215 -11.21 -17.93 -18.05
N LYS A 216 -10.63 -19.11 -17.84
CA LYS A 216 -9.18 -19.28 -17.72
C LYS A 216 -8.60 -18.50 -16.53
N VAL A 217 -9.38 -18.35 -15.47
CA VAL A 217 -8.93 -17.72 -14.24
C VAL A 217 -9.04 -18.74 -13.12
N ASN A 218 -7.94 -19.00 -12.43
CA ASN A 218 -7.93 -19.99 -11.36
C ASN A 218 -8.58 -19.43 -10.11
N PHE A 219 -9.50 -20.19 -9.54
CA PHE A 219 -10.17 -19.83 -8.29
C PHE A 219 -9.89 -20.93 -7.28
N HIS A 220 -9.30 -20.57 -6.15
CA HIS A 220 -9.05 -21.49 -5.05
C HIS A 220 -10.03 -21.13 -3.93
N MET A 221 -11.15 -21.85 -3.90
CA MET A 221 -12.20 -21.62 -2.91
C MET A 221 -11.91 -22.50 -1.70
N PHE A 222 -11.58 -21.87 -0.58
CA PHE A 222 -11.20 -22.60 0.63
C PHE A 222 -12.41 -22.72 1.54
N ASP A 223 -12.77 -23.96 1.86
CA ASP A 223 -13.96 -24.26 2.66
C ASP A 223 -13.51 -24.72 4.03
N VAL A 224 -13.51 -23.81 5.00
CA VAL A 224 -13.25 -24.16 6.38
C VAL A 224 -14.44 -24.94 6.91
N GLY A 225 -14.29 -25.58 8.07
CA GLY A 225 -15.37 -26.37 8.63
C GLY A 225 -14.89 -27.50 9.50
N ALA A 226 -13.59 -27.79 9.44
CA ALA A 226 -12.99 -28.72 10.38
C ALA A 226 -12.56 -28.05 11.68
N GLN A 227 -12.65 -26.73 11.76
CA GLN A 227 -12.25 -25.99 12.94
C GLN A 227 -13.39 -25.95 13.94
N ARG A 228 -13.24 -25.14 14.98
CA ARG A 228 -14.26 -25.00 16.01
C ARG A 228 -15.28 -23.94 15.59
N ASP A 229 -16.14 -23.55 16.53
CA ASP A 229 -17.21 -22.61 16.22
C ASP A 229 -16.73 -21.16 16.32
N GLU A 230 -16.03 -20.81 17.39
CA GLU A 230 -15.55 -19.44 17.54
C GLU A 230 -14.47 -19.16 16.51
N ARG A 231 -14.56 -18.00 15.85
CA ARG A 231 -13.74 -17.71 14.69
C ARG A 231 -13.06 -16.35 14.78
N ARG A 232 -12.85 -15.84 15.98
CA ARG A 232 -12.25 -14.52 16.12
C ARG A 232 -10.73 -14.55 15.94
N LYS A 233 -10.13 -15.74 15.84
CA LYS A 233 -8.69 -15.87 15.73
C LYS A 233 -8.21 -16.39 14.39
N TRP A 234 -8.88 -17.39 13.82
CA TRP A 234 -8.43 -17.99 12.57
C TRP A 234 -9.04 -17.33 11.34
N ILE A 235 -9.86 -16.31 11.51
CA ILE A 235 -10.41 -15.63 10.34
C ILE A 235 -9.53 -14.48 9.86
N GLN A 236 -8.68 -13.93 10.74
CA GLN A 236 -7.79 -12.86 10.33
C GLN A 236 -6.88 -13.29 9.19
N CYS A 237 -6.52 -14.58 9.15
CA CYS A 237 -5.67 -15.09 8.09
C CYS A 237 -6.28 -14.90 6.71
N PHE A 238 -7.60 -14.75 6.64
CA PHE A 238 -8.27 -14.54 5.37
C PHE A 238 -8.40 -13.06 5.01
N ASN A 239 -7.55 -12.20 5.60
CA ASN A 239 -7.62 -10.78 5.29
C ASN A 239 -7.18 -10.48 3.86
N ASP A 240 -6.23 -11.25 3.33
CA ASP A 240 -5.74 -11.03 1.97
C ASP A 240 -6.62 -11.68 0.91
N VAL A 241 -7.64 -12.43 1.31
CA VAL A 241 -8.54 -13.06 0.36
C VAL A 241 -9.24 -11.98 -0.47
N THR A 242 -9.34 -12.22 -1.77
CA THR A 242 -9.95 -11.22 -2.66
C THR A 242 -11.41 -10.97 -2.30
N ALA A 243 -12.16 -12.04 -2.00
CA ALA A 243 -13.56 -11.91 -1.67
C ALA A 243 -13.98 -13.05 -0.77
N ILE A 244 -14.69 -12.73 0.31
CA ILE A 244 -15.20 -13.72 1.24
C ILE A 244 -16.63 -14.06 0.82
N ILE A 245 -16.87 -15.33 0.48
CA ILE A 245 -18.21 -15.79 0.16
C ILE A 245 -18.91 -16.16 1.45
N PHE A 246 -20.14 -15.65 1.61
CA PHE A 246 -20.92 -15.84 2.84
C PHE A 246 -22.29 -16.37 2.43
N VAL A 247 -22.54 -17.65 2.70
CA VAL A 247 -23.80 -18.28 2.38
C VAL A 247 -24.66 -18.30 3.64
N VAL A 248 -25.91 -17.85 3.50
CA VAL A 248 -26.83 -17.74 4.63
C VAL A 248 -28.13 -18.46 4.28
N ALA A 249 -28.63 -19.25 5.22
CA ALA A 249 -29.89 -19.98 5.03
C ALA A 249 -31.04 -19.10 5.49
N SER A 250 -31.91 -18.72 4.54
CA SER A 250 -33.04 -17.84 4.85
C SER A 250 -34.21 -18.59 5.47
N SER A 251 -34.13 -19.92 5.58
CA SER A 251 -35.23 -20.68 6.17
C SER A 251 -35.45 -20.30 7.63
N SER A 252 -34.37 -20.14 8.38
CA SER A 252 -34.47 -19.76 9.79
C SER A 252 -33.33 -18.83 10.19
N THR A 263 -33.20 -22.98 14.20
CA THR A 263 -34.10 -21.91 14.59
C THR A 263 -33.34 -20.62 14.87
N ASN A 264 -33.86 -19.50 14.38
CA ASN A 264 -33.26 -18.19 14.55
C ASN A 264 -31.83 -18.14 13.98
N ARG A 265 -31.63 -18.84 12.86
CA ARG A 265 -30.31 -18.86 12.24
C ARG A 265 -30.00 -17.57 11.50
N LEU A 266 -31.03 -16.89 10.99
CA LEU A 266 -30.80 -15.71 10.15
C LEU A 266 -30.24 -14.56 10.98
N GLN A 267 -30.74 -14.37 12.20
CA GLN A 267 -30.22 -13.32 13.05
C GLN A 267 -28.76 -13.57 13.42
N ALA A 268 -28.42 -14.82 13.72
CA ALA A 268 -27.03 -15.16 14.01
C ALA A 268 -26.14 -14.92 12.80
N ALA A 269 -26.63 -15.29 11.61
CA ALA A 269 -25.86 -15.04 10.39
C ALA A 269 -25.66 -13.55 10.17
N LEU A 270 -26.69 -12.75 10.42
CA LEU A 270 -26.58 -11.31 10.25
C LEU A 270 -25.59 -10.72 11.24
N LYS A 271 -25.61 -11.18 12.48
CA LYS A 271 -24.64 -10.70 13.47
C LYS A 271 -23.22 -11.08 13.08
N LEU A 272 -23.03 -12.30 12.58
CA LEU A 272 -21.71 -12.70 12.10
C LEU A 272 -21.27 -11.84 10.94
N PHE A 273 -22.18 -11.52 10.03
CA PHE A 273 -21.84 -10.65 8.91
C PHE A 273 -21.45 -9.25 9.40
N ASP A 274 -22.16 -8.74 10.40
CA ASP A 274 -21.80 -7.44 10.97
C ASP A 274 -20.41 -7.48 11.58
N SER A 275 -20.10 -8.55 12.32
CA SER A 275 -18.78 -8.67 12.93
C SER A 275 -17.70 -8.76 11.86
N ILE A 276 -17.96 -9.48 10.78
CA ILE A 276 -17.00 -9.57 9.68
C ILE A 276 -16.81 -8.21 9.03
N TRP A 277 -17.90 -7.48 8.81
CA TRP A 277 -17.83 -6.18 8.15
C TRP A 277 -17.02 -5.20 8.96
N ASN A 278 -17.32 -5.08 10.25
CA ASN A 278 -16.68 -4.09 11.10
C ASN A 278 -15.40 -4.61 11.73
N ASN A 279 -14.78 -5.64 11.16
CA ASN A 279 -13.55 -6.17 11.72
C ASN A 279 -12.37 -5.26 11.39
N LYS A 280 -11.41 -5.23 12.32
CA LYS A 280 -10.26 -4.34 12.15
C LYS A 280 -9.42 -4.73 10.93
N TRP A 281 -9.20 -6.03 10.73
CA TRP A 281 -8.35 -6.50 9.64
C TRP A 281 -9.13 -6.93 8.40
N LEU A 282 -10.41 -7.24 8.54
CA LEU A 282 -11.24 -7.68 7.43
C LEU A 282 -12.01 -6.55 6.77
N ARG A 283 -11.81 -5.31 7.23
CA ARG A 283 -12.51 -4.19 6.63
C ARG A 283 -12.00 -3.82 5.25
N ASP A 284 -10.88 -4.41 4.81
CA ASP A 284 -10.38 -4.20 3.46
C ASP A 284 -10.73 -5.34 2.52
N THR A 285 -11.55 -6.28 2.97
CA THR A 285 -11.90 -7.48 2.19
C THR A 285 -13.37 -7.42 1.82
N SER A 286 -13.66 -7.52 0.54
CA SER A 286 -15.03 -7.50 0.06
C SER A 286 -15.74 -8.81 0.38
N VAL A 287 -17.07 -8.75 0.44
CA VAL A 287 -17.89 -9.89 0.83
C VAL A 287 -18.98 -10.08 -0.22
N ILE A 288 -19.14 -11.32 -0.67
CA ILE A 288 -20.26 -11.73 -1.51
C ILE A 288 -21.23 -12.49 -0.63
N LEU A 289 -22.53 -12.37 -0.93
CA LEU A 289 -23.57 -12.99 -0.14
C LEU A 289 -24.40 -13.91 -1.02
N PHE A 290 -24.75 -15.08 -0.46
CA PHE A 290 -25.55 -16.07 -1.16
C PHE A 290 -26.70 -16.48 -0.26
N LEU A 291 -27.90 -16.02 -0.59
CA LEU A 291 -29.10 -16.30 0.21
C LEU A 291 -29.66 -17.65 -0.22
N ASN A 292 -29.09 -18.71 0.36
CA ASN A 292 -29.50 -20.07 0.01
C ASN A 292 -30.84 -20.39 0.66
N LYS A 293 -31.28 -21.64 0.48
CA LYS A 293 -32.58 -22.11 0.98
C LYS A 293 -33.71 -21.21 0.48
N GLN A 294 -33.62 -20.80 -0.79
CA GLN A 294 -34.58 -19.85 -1.33
C GLN A 294 -35.97 -20.45 -1.43
N ASP A 295 -36.08 -21.66 -1.99
CA ASP A 295 -37.38 -22.29 -2.16
C ASP A 295 -37.94 -22.78 -0.83
N LEU A 296 -37.08 -23.16 0.11
CA LEU A 296 -37.56 -23.63 1.40
C LEU A 296 -38.25 -22.52 2.19
N LEU A 297 -37.92 -21.26 1.91
CA LEU A 297 -38.59 -20.16 2.59
C LEU A 297 -40.07 -20.08 2.22
N ALA A 298 -40.41 -20.48 1.00
CA ALA A 298 -41.80 -20.41 0.57
C ALA A 298 -42.70 -21.27 1.45
N GLU A 299 -42.21 -22.45 1.86
CA GLU A 299 -42.95 -23.30 2.78
C GLU A 299 -42.70 -22.96 4.24
N LYS A 300 -41.54 -22.36 4.56
CA LYS A 300 -41.27 -22.00 5.94
C LYS A 300 -42.13 -20.84 6.40
N VAL A 301 -42.44 -19.90 5.50
CA VAL A 301 -43.29 -18.76 5.87
C VAL A 301 -44.73 -19.17 6.13
N LEU A 302 -45.10 -20.41 5.81
CA LEU A 302 -46.45 -20.89 6.04
C LEU A 302 -46.53 -22.06 7.01
N ALA A 303 -45.43 -22.77 7.24
CA ALA A 303 -45.46 -23.90 8.17
C ALA A 303 -45.77 -23.45 9.59
N GLY A 304 -45.17 -22.33 10.02
CA GLY A 304 -45.36 -21.82 11.35
C GLY A 304 -44.29 -22.20 12.35
N LYS A 305 -43.39 -23.11 12.00
CA LYS A 305 -42.31 -23.48 12.91
C LYS A 305 -41.38 -22.30 13.17
N SER A 306 -41.04 -21.56 12.11
CA SER A 306 -40.19 -20.37 12.22
C SER A 306 -40.76 -19.32 11.27
N LYS A 307 -41.60 -18.44 11.80
CA LYS A 307 -42.27 -17.43 10.99
C LYS A 307 -41.37 -16.20 10.85
N ILE A 308 -41.11 -15.81 9.60
CA ILE A 308 -40.28 -14.63 9.35
C ILE A 308 -40.98 -13.37 9.89
N GLU A 309 -42.30 -13.31 9.75
CA GLU A 309 -43.04 -12.18 10.31
C GLU A 309 -42.94 -12.14 11.82
N ASP A 310 -43.06 -13.30 12.47
CA ASP A 310 -43.00 -13.35 13.93
C ASP A 310 -41.60 -12.96 14.43
N TYR A 311 -40.56 -13.46 13.77
CA TYR A 311 -39.20 -13.20 14.23
C TYR A 311 -38.70 -11.82 13.82
N PHE A 312 -39.29 -11.21 12.79
CA PHE A 312 -38.95 -9.87 12.34
C PHE A 312 -40.24 -9.09 12.20
N PRO A 313 -40.79 -8.57 13.31
CA PRO A 313 -42.08 -7.87 13.23
C PRO A 313 -42.07 -6.69 12.28
N GLU A 314 -40.93 -6.01 12.13
CA GLU A 314 -40.85 -4.88 11.22
C GLU A 314 -41.13 -5.30 9.77
N PHE A 315 -40.93 -6.57 9.44
CA PHE A 315 -41.27 -7.05 8.11
C PHE A 315 -42.77 -7.04 7.85
N ALA A 316 -43.58 -7.09 8.91
CA ALA A 316 -45.03 -7.10 8.72
C ALA A 316 -45.51 -5.83 8.02
N ARG A 317 -44.96 -4.69 8.41
CA ARG A 317 -45.29 -3.42 7.76
C ARG A 317 -44.42 -3.15 6.54
N TYR A 318 -43.43 -4.00 6.26
CA TYR A 318 -42.51 -3.78 5.16
C TYR A 318 -43.05 -4.39 3.87
N THR A 319 -42.94 -3.64 2.78
CA THR A 319 -43.37 -4.07 1.46
C THR A 319 -42.17 -4.09 0.52
N THR A 320 -42.45 -4.31 -0.76
CA THR A 320 -41.39 -4.31 -1.76
C THR A 320 -40.69 -2.96 -1.78
N PRO A 321 -39.36 -2.92 -1.70
CA PRO A 321 -38.66 -1.63 -1.60
C PRO A 321 -38.85 -0.73 -2.80
N GLU A 322 -38.58 -1.26 -3.99
CA GLU A 322 -38.67 -0.49 -5.22
C GLU A 322 -39.35 -1.35 -6.28
N ASP A 323 -39.30 -0.89 -7.53
CA ASP A 323 -39.89 -1.61 -8.65
C ASP A 323 -38.90 -2.57 -9.30
N ALA A 324 -37.93 -3.06 -8.54
CA ALA A 324 -36.98 -4.03 -9.08
C ALA A 324 -37.70 -5.30 -9.49
N THR A 325 -37.39 -5.79 -10.69
CA THR A 325 -38.10 -6.93 -11.24
C THR A 325 -37.67 -8.22 -10.52
N PRO A 326 -38.59 -8.96 -9.93
CA PRO A 326 -38.25 -10.27 -9.36
C PRO A 326 -38.30 -11.36 -10.43
N GLU A 327 -37.85 -12.55 -10.03
CA GLU A 327 -37.90 -13.68 -10.95
C GLU A 327 -39.35 -14.08 -11.20
N PRO A 328 -39.72 -14.36 -12.45
CA PRO A 328 -41.12 -14.69 -12.75
C PRO A 328 -41.51 -16.05 -12.19
N GLY A 329 -42.82 -16.24 -12.02
CA GLY A 329 -43.33 -17.50 -11.52
C GLY A 329 -43.22 -17.67 -10.03
N GLU A 330 -43.25 -16.58 -9.26
CA GLU A 330 -43.16 -16.66 -7.81
C GLU A 330 -44.21 -15.73 -7.19
N ASP A 331 -44.60 -16.05 -5.97
CA ASP A 331 -45.55 -15.24 -5.24
C ASP A 331 -44.90 -13.92 -4.80
N PRO A 332 -45.67 -12.83 -4.75
CA PRO A 332 -45.11 -11.56 -4.25
C PRO A 332 -44.67 -11.63 -2.80
N ARG A 333 -45.17 -12.58 -2.02
CA ARG A 333 -44.79 -12.66 -0.61
C ARG A 333 -43.34 -13.11 -0.45
N VAL A 334 -42.95 -14.18 -1.17
CA VAL A 334 -41.62 -14.74 -0.99
C VAL A 334 -40.56 -13.78 -1.52
N THR A 335 -40.84 -13.10 -2.64
CA THR A 335 -39.90 -12.10 -3.12
C THR A 335 -39.83 -10.90 -2.17
N ARG A 336 -40.94 -10.56 -1.52
CA ARG A 336 -40.91 -9.52 -0.50
C ARG A 336 -39.99 -9.92 0.64
N ALA A 337 -40.11 -11.17 1.11
CA ALA A 337 -39.25 -11.62 2.20
C ALA A 337 -37.79 -11.63 1.78
N LYS A 338 -37.49 -12.14 0.59
CA LYS A 338 -36.10 -12.21 0.14
C LYS A 338 -35.51 -10.81 -0.02
N TYR A 339 -36.30 -9.87 -0.55
CA TYR A 339 -35.79 -8.50 -0.68
C TYR A 339 -35.64 -7.84 0.67
N PHE A 340 -36.50 -8.18 1.64
CA PHE A 340 -36.34 -7.66 2.98
C PHE A 340 -35.03 -8.13 3.59
N ILE A 341 -34.71 -9.42 3.44
CA ILE A 341 -33.44 -9.93 3.95
C ILE A 341 -32.28 -9.26 3.23
N ARG A 342 -32.38 -9.09 1.92
CA ARG A 342 -31.31 -8.47 1.16
C ARG A 342 -31.06 -7.05 1.63
N ASP A 343 -32.11 -6.26 1.80
CA ASP A 343 -31.92 -4.87 2.21
C ASP A 343 -31.49 -4.77 3.66
N GLU A 344 -31.87 -5.74 4.51
CA GLU A 344 -31.35 -5.76 5.86
C GLU A 344 -29.84 -5.99 5.86
N PHE A 345 -29.36 -6.94 5.05
CA PHE A 345 -27.93 -7.16 4.95
C PHE A 345 -27.23 -5.94 4.38
N LEU A 346 -27.84 -5.29 3.39
CA LEU A 346 -27.26 -4.08 2.82
C LEU A 346 -27.19 -2.96 3.86
N ARG A 347 -28.21 -2.83 4.69
CA ARG A 347 -28.19 -1.84 5.76
C ARG A 347 -27.08 -2.13 6.77
N ILE A 348 -26.87 -3.41 7.08
CA ILE A 348 -25.76 -3.79 7.94
C ILE A 348 -24.43 -3.39 7.29
N SER A 349 -24.32 -3.61 5.97
CA SER A 349 -23.06 -3.36 5.28
C SER A 349 -22.75 -1.87 5.20
N THR A 350 -23.72 -1.06 4.79
CA THR A 350 -23.47 0.35 4.47
C THR A 350 -23.46 1.26 5.69
N ALA A 351 -23.75 0.74 6.88
CA ALA A 351 -23.77 1.60 8.06
C ALA A 351 -22.38 2.18 8.36
N SER A 352 -21.34 1.36 8.24
CA SER A 352 -19.96 1.78 8.53
C SER A 352 -19.09 1.39 7.35
N GLY A 353 -19.00 2.26 6.36
CA GLY A 353 -18.17 2.01 5.19
C GLY A 353 -16.86 2.76 5.22
N ASP A 354 -15.77 2.05 5.53
CA ASP A 354 -14.45 2.67 5.60
C ASP A 354 -13.43 1.62 5.14
N GLY A 355 -13.07 1.67 3.87
CA GLY A 355 -12.14 0.75 3.29
C GLY A 355 -12.59 0.34 1.90
N ARG A 356 -11.95 -0.68 1.36
CA ARG A 356 -12.29 -1.20 0.05
C ARG A 356 -13.36 -2.29 0.10
N HIS A 357 -13.92 -2.55 1.27
CA HIS A 357 -14.93 -3.59 1.41
C HIS A 357 -16.21 -3.21 0.68
N TYR A 358 -16.74 -4.14 -0.10
CA TYR A 358 -18.02 -3.98 -0.78
C TYR A 358 -18.85 -5.25 -0.60
N CYS A 359 -20.17 -5.07 -0.54
CA CYS A 359 -21.09 -6.18 -0.38
C CYS A 359 -21.78 -6.48 -1.70
N TYR A 360 -21.72 -7.73 -2.14
CA TYR A 360 -22.35 -8.15 -3.39
C TYR A 360 -23.44 -9.16 -3.07
N PRO A 361 -24.70 -8.75 -2.99
CA PRO A 361 -25.77 -9.70 -2.70
C PRO A 361 -26.24 -10.44 -3.94
N HIS A 362 -26.72 -11.66 -3.73
CA HIS A 362 -27.22 -12.48 -4.82
C HIS A 362 -28.28 -13.42 -4.28
N PHE A 363 -29.12 -13.91 -5.20
CA PHE A 363 -30.17 -14.87 -4.88
C PHE A 363 -29.85 -16.19 -5.57
N THR A 364 -29.92 -17.29 -4.82
CA THR A 364 -29.62 -18.59 -5.39
C THR A 364 -30.37 -19.66 -4.61
N CYS A 365 -30.45 -20.85 -5.20
CA CYS A 365 -31.08 -22.01 -4.57
C CYS A 365 -30.08 -23.13 -4.30
N ALA A 366 -29.25 -23.48 -5.27
CA ALA A 366 -28.25 -24.52 -5.12
C ALA A 366 -26.89 -24.01 -5.59
N VAL A 367 -25.85 -24.34 -4.83
CA VAL A 367 -24.50 -23.88 -5.13
C VAL A 367 -23.91 -24.71 -6.26
N ASP A 368 -22.79 -24.25 -6.82
CA ASP A 368 -22.10 -24.94 -7.92
C ASP A 368 -23.02 -25.15 -9.11
N THR A 369 -23.87 -24.16 -9.39
CA THR A 369 -24.76 -24.20 -10.55
C THR A 369 -24.96 -22.76 -11.03
N GLU A 370 -24.14 -22.36 -12.01
CA GLU A 370 -24.17 -21.03 -12.62
C GLU A 370 -23.73 -19.96 -11.64
N ASN A 371 -23.47 -20.34 -10.39
CA ASN A 371 -23.00 -19.39 -9.40
C ASN A 371 -21.53 -19.03 -9.59
N ILE A 372 -20.76 -19.89 -10.26
CA ILE A 372 -19.35 -19.60 -10.51
C ILE A 372 -19.23 -18.38 -11.42
N ARG A 373 -20.16 -18.23 -12.36
CA ARG A 373 -20.14 -17.05 -13.22
C ARG A 373 -20.36 -15.78 -12.40
N ARG A 374 -21.32 -15.81 -11.48
CA ARG A 374 -21.57 -14.64 -10.63
C ARG A 374 -20.35 -14.35 -9.76
N VAL A 375 -19.73 -15.39 -9.20
CA VAL A 375 -18.56 -15.19 -8.36
C VAL A 375 -17.42 -14.58 -9.17
N PHE A 376 -17.21 -15.07 -10.40
CA PHE A 376 -16.16 -14.53 -11.25
C PHE A 376 -16.42 -13.08 -11.61
N ASN A 377 -17.67 -12.74 -11.95
CA ASN A 377 -18.00 -11.36 -12.28
C ASN A 377 -17.76 -10.44 -11.09
N ASP A 378 -18.19 -10.87 -9.90
CA ASP A 378 -17.99 -10.04 -8.72
C ASP A 378 -16.52 -9.89 -8.38
N CYS A 379 -15.74 -10.96 -8.53
CA CYS A 379 -14.31 -10.87 -8.27
C CYS A 379 -13.62 -9.94 -9.26
N ARG A 380 -14.05 -9.99 -10.53
CA ARG A 380 -13.51 -9.06 -11.52
C ARG A 380 -13.84 -7.62 -11.14
N ASP A 381 -15.06 -7.37 -10.68
CA ASP A 381 -15.42 -6.02 -10.23
C ASP A 381 -14.55 -5.60 -9.05
N ILE A 382 -14.30 -6.52 -8.12
CA ILE A 382 -13.47 -6.20 -6.96
C ILE A 382 -12.06 -5.83 -7.40
N ILE A 383 -11.49 -6.60 -8.34
CA ILE A 383 -10.14 -6.32 -8.80
C ILE A 383 -10.08 -4.97 -9.53
N GLN A 384 -11.07 -4.70 -10.37
CA GLN A 384 -11.10 -3.42 -11.07
C GLN A 384 -11.21 -2.26 -10.10
N ARG A 385 -12.07 -2.38 -9.09
CA ARG A 385 -12.18 -1.33 -8.08
C ARG A 385 -10.88 -1.17 -7.31
N MET A 386 -10.18 -2.27 -7.03
CA MET A 386 -8.91 -2.19 -6.34
C MET A 386 -7.88 -1.42 -7.17
N HIS A 387 -7.81 -1.71 -8.46
CA HIS A 387 -6.88 -0.98 -9.32
C HIS A 387 -7.25 0.50 -9.41
N LEU A 388 -8.54 0.79 -9.55
CA LEU A 388 -8.98 2.18 -9.62
C LEU A 388 -8.63 2.93 -8.34
N ARG A 389 -8.81 2.29 -7.19
CA ARG A 389 -8.42 2.92 -5.93
C ARG A 389 -6.91 3.09 -5.84
N GLN A 390 -6.14 2.17 -6.43
CA GLN A 390 -4.69 2.35 -6.48
C GLN A 390 -4.33 3.59 -7.28
N TYR A 391 -5.02 3.83 -8.39
CA TYR A 391 -4.79 5.02 -9.20
C TYR A 391 -5.58 6.24 -8.71
N GLU A 392 -6.27 6.13 -7.58
CA GLU A 392 -7.03 7.22 -6.98
C GLU A 392 -8.12 7.75 -7.92
N LEU A 393 -8.56 6.93 -8.87
CA LEU A 393 -9.62 7.32 -9.79
C LEU A 393 -11.00 7.05 -9.23
N LEU A 394 -11.10 6.43 -8.07
CA LEU A 394 -12.38 6.07 -7.49
C LEU A 394 -12.34 6.16 -5.96
N GLN B 14 -20.08 -27.41 44.14
CA GLN B 14 -18.83 -27.07 43.48
C GLN B 14 -17.68 -27.05 44.46
N GLU B 15 -17.91 -26.49 45.66
CA GLU B 15 -16.87 -26.40 46.69
C GLU B 15 -15.53 -25.91 46.16
N ALA B 16 -15.53 -24.80 45.43
CA ALA B 16 -14.30 -24.27 44.88
C ALA B 16 -14.27 -22.78 45.09
N GLU B 17 -15.32 -22.22 45.67
CA GLU B 17 -15.37 -20.80 45.95
C GLU B 17 -14.47 -20.51 47.13
N GLN B 18 -14.43 -21.41 48.10
CA GLN B 18 -13.55 -21.24 49.24
C GLN B 18 -12.12 -21.56 48.83
N LEU B 19 -11.96 -22.32 47.75
CA LEU B 19 -10.61 -22.68 47.28
C LEU B 19 -10.06 -21.50 46.52
N LYS B 20 -10.92 -20.84 45.75
CA LYS B 20 -10.50 -19.66 45.03
C LYS B 20 -10.16 -18.60 46.07
N ASN B 21 -10.99 -18.51 47.11
CA ASN B 21 -10.75 -17.54 48.17
C ASN B 21 -9.37 -17.70 48.78
N GLN B 22 -9.00 -18.93 49.16
CA GLN B 22 -7.71 -19.12 49.83
C GLN B 22 -6.54 -18.92 48.87
N ILE B 23 -6.75 -19.22 47.59
CA ILE B 23 -5.69 -19.05 46.59
C ILE B 23 -5.49 -17.56 46.35
N ARG B 24 -6.58 -16.81 46.32
CA ARG B 24 -6.48 -15.36 46.13
C ARG B 24 -5.81 -14.76 47.34
N ASP B 25 -6.15 -15.25 48.53
CA ASP B 25 -5.54 -14.76 49.75
C ASP B 25 -4.05 -15.08 49.77
N ALA B 26 -3.67 -16.24 49.25
CA ALA B 26 -2.27 -16.62 49.19
C ALA B 26 -1.53 -15.65 48.29
N ARG B 27 -2.08 -15.39 47.10
CA ARG B 27 -1.46 -14.44 46.19
C ARG B 27 -1.37 -13.07 46.83
N LYS B 28 -2.40 -12.65 47.55
CA LYS B 28 -2.42 -11.33 48.18
C LYS B 28 -1.42 -11.21 49.31
N ALA B 29 -1.26 -12.27 50.10
CA ALA B 29 -0.29 -12.25 51.19
C ALA B 29 1.10 -12.14 50.59
N CYS B 30 1.30 -12.81 49.46
CA CYS B 30 2.59 -12.75 48.79
C CYS B 30 2.78 -11.41 48.08
N ALA B 31 1.71 -10.71 47.74
CA ALA B 31 1.82 -9.46 46.99
C ALA B 31 2.26 -8.26 47.82
N ASP B 32 3.49 -8.28 48.32
CA ASP B 32 4.02 -7.14 49.06
C ASP B 32 5.48 -6.95 48.66
N ALA B 33 5.90 -5.69 48.58
CA ALA B 33 7.25 -5.32 48.14
C ALA B 33 7.56 -5.91 46.77
N THR B 34 6.79 -5.46 45.78
CA THR B 34 6.91 -5.96 44.42
C THR B 34 8.07 -5.27 43.70
N LEU B 35 8.43 -5.85 42.55
CA LEU B 35 9.55 -5.32 41.77
C LEU B 35 9.30 -3.88 41.32
N SER B 36 8.04 -3.47 41.22
CA SER B 36 7.73 -2.12 40.77
C SER B 36 8.36 -1.08 41.67
N GLN B 37 8.33 -1.29 42.98
CA GLN B 37 9.01 -0.39 43.91
C GLN B 37 10.34 -0.95 44.42
N ILE B 38 10.68 -2.19 44.09
CA ILE B 38 12.05 -2.65 44.34
C ILE B 38 13.03 -1.96 43.39
N THR B 39 12.64 -1.82 42.12
CA THR B 39 13.54 -1.33 41.09
C THR B 39 13.47 0.19 40.91
N ASN B 40 13.09 0.94 41.94
CA ASN B 40 13.20 2.40 41.86
C ASN B 40 14.65 2.83 41.77
N ASN B 41 15.53 2.18 42.55
CA ASN B 41 16.93 2.57 42.58
C ASN B 41 17.70 2.15 41.34
N ILE B 42 17.18 1.21 40.56
CA ILE B 42 17.88 0.74 39.38
C ILE B 42 17.91 1.83 38.33
N ASP B 43 19.10 2.12 37.80
CA ASP B 43 19.24 3.15 36.79
C ASP B 43 18.55 2.72 35.50
N PRO B 44 17.93 3.65 34.78
CA PRO B 44 17.32 3.29 33.50
C PRO B 44 18.35 2.88 32.48
N VAL B 45 17.96 1.99 31.57
CA VAL B 45 18.85 1.53 30.52
C VAL B 45 19.13 2.63 29.51
N GLY B 46 18.26 3.63 29.42
CA GLY B 46 18.41 4.70 28.45
C GLY B 46 17.82 4.33 27.11
N ARG B 47 17.70 5.35 26.26
CA ARG B 47 17.14 5.13 24.93
C ARG B 47 18.04 4.21 24.13
N ILE B 48 17.43 3.28 23.41
CA ILE B 48 18.15 2.26 22.65
C ILE B 48 17.95 2.55 21.17
N GLN B 49 19.05 2.73 20.44
CA GLN B 49 19.00 3.03 19.02
C GLN B 49 18.96 1.70 18.26
N MET B 50 17.82 1.43 17.63
CA MET B 50 17.60 0.21 16.87
C MET B 50 17.56 0.56 15.40
N ARG B 51 18.46 -0.02 14.61
CA ARG B 51 18.55 0.25 13.19
C ARG B 51 18.40 -1.04 12.40
N THR B 52 17.60 -1.00 11.34
CA THR B 52 17.40 -2.16 10.49
C THR B 52 18.72 -2.48 9.76
N ARG B 53 19.37 -3.55 10.21
CA ARG B 53 20.64 -3.94 9.59
C ARG B 53 20.41 -4.50 8.19
N ARG B 54 19.46 -5.43 8.06
CA ARG B 54 19.18 -6.07 6.78
C ARG B 54 17.68 -6.20 6.59
N THR B 55 17.26 -6.23 5.33
CA THR B 55 15.88 -6.48 4.95
C THR B 55 15.83 -7.77 4.15
N LEU B 56 15.13 -8.77 4.67
CA LEU B 56 15.11 -10.09 4.06
C LEU B 56 13.89 -10.25 3.15
N ARG B 57 13.82 -9.38 2.16
CA ARG B 57 12.70 -9.38 1.23
C ARG B 57 12.74 -10.60 0.33
N GLY B 58 11.58 -11.01 -0.16
CA GLY B 58 11.48 -12.16 -1.04
C GLY B 58 10.21 -12.98 -0.87
N HIS B 59 9.52 -12.80 0.25
CA HIS B 59 8.25 -13.48 0.45
C HIS B 59 7.17 -12.85 -0.43
N LEU B 60 6.19 -13.68 -0.80
CA LEU B 60 5.10 -13.20 -1.65
C LEU B 60 3.92 -12.71 -0.82
N ALA B 61 3.34 -13.59 -0.01
CA ALA B 61 2.24 -13.21 0.85
C ALA B 61 2.77 -12.74 2.20
N LYS B 62 1.86 -12.43 3.12
CA LYS B 62 2.25 -11.90 4.41
C LYS B 62 3.05 -12.92 5.21
N ILE B 63 4.17 -12.49 5.76
CA ILE B 63 4.93 -13.34 6.67
C ILE B 63 4.15 -13.53 7.95
N TYR B 64 3.88 -14.78 8.31
CA TYR B 64 3.02 -15.06 9.44
C TYR B 64 3.72 -15.71 10.61
N ALA B 65 4.86 -16.38 10.39
CA ALA B 65 5.60 -16.89 11.52
C ALA B 65 7.08 -16.98 11.17
N MET B 66 7.92 -17.03 12.20
CA MET B 66 9.35 -17.21 11.99
C MET B 66 9.97 -17.81 13.25
N HIS B 67 11.17 -18.34 13.07
CA HIS B 67 11.95 -18.89 14.18
C HIS B 67 13.43 -18.76 13.85
N TRP B 68 14.25 -18.79 14.90
CA TRP B 68 15.68 -18.63 14.79
C TRP B 68 16.37 -19.97 15.04
N GLY B 69 17.41 -20.24 14.26
CA GLY B 69 18.21 -21.43 14.51
C GLY B 69 19.11 -21.26 15.71
N THR B 70 19.63 -22.38 16.21
CA THR B 70 20.55 -22.33 17.32
C THR B 70 21.86 -21.67 16.94
N ASP B 71 22.28 -21.79 15.68
CA ASP B 71 23.52 -21.18 15.22
C ASP B 71 23.41 -19.66 15.13
N SER B 72 22.22 -19.10 15.29
CA SER B 72 21.98 -17.66 15.21
C SER B 72 22.32 -17.08 13.84
N ARG B 73 22.35 -17.93 12.82
CA ARG B 73 22.64 -17.49 11.46
C ARG B 73 21.49 -17.78 10.51
N LEU B 74 20.94 -18.99 10.54
CA LEU B 74 19.84 -19.37 9.68
C LEU B 74 18.52 -19.16 10.41
N LEU B 75 17.61 -18.42 9.79
CA LEU B 75 16.29 -18.18 10.34
C LEU B 75 15.23 -18.68 9.37
N VAL B 76 14.24 -19.38 9.89
CA VAL B 76 13.15 -19.91 9.08
C VAL B 76 11.97 -18.95 9.17
N SER B 77 11.30 -18.73 8.05
CA SER B 77 10.15 -17.84 7.99
C SER B 77 9.08 -18.46 7.12
N ALA B 78 7.89 -18.64 7.67
CA ALA B 78 6.76 -19.23 6.97
C ALA B 78 5.71 -18.16 6.71
N SER B 79 5.28 -18.05 5.46
CA SER B 79 4.29 -17.06 5.05
C SER B 79 3.04 -17.76 4.57
N GLN B 80 2.07 -16.96 4.11
CA GLN B 80 0.77 -17.47 3.69
C GLN B 80 0.69 -17.77 2.21
N ASP B 81 1.78 -17.62 1.46
CA ASP B 81 1.82 -18.00 0.06
C ASP B 81 2.19 -19.46 -0.13
N GLY B 82 2.03 -20.28 0.91
CA GLY B 82 2.50 -21.65 0.86
C GLY B 82 4.00 -21.76 0.74
N LYS B 83 4.73 -20.89 1.43
CA LYS B 83 6.17 -20.84 1.35
C LYS B 83 6.79 -20.82 2.73
N LEU B 84 7.95 -21.47 2.86
CA LEU B 84 8.69 -21.59 4.11
C LEU B 84 10.17 -21.46 3.75
N ILE B 85 10.70 -20.26 3.85
CA ILE B 85 12.06 -19.95 3.43
C ILE B 85 12.99 -20.11 4.61
N ILE B 86 14.26 -20.42 4.32
CA ILE B 86 15.31 -20.48 5.32
C ILE B 86 16.39 -19.50 4.88
N TRP B 87 16.45 -18.34 5.51
CA TRP B 87 17.40 -17.29 5.13
C TRP B 87 18.65 -17.38 5.96
N ASP B 88 19.81 -17.35 5.30
CA ASP B 88 21.06 -17.03 5.96
C ASP B 88 21.11 -15.52 6.10
N SER B 89 21.04 -15.05 7.35
CA SER B 89 20.97 -13.61 7.63
C SER B 89 22.31 -12.92 7.44
N TYR B 90 23.42 -13.62 7.68
CA TYR B 90 24.73 -13.01 7.53
C TYR B 90 24.96 -12.57 6.10
N THR B 91 24.56 -13.38 5.13
CA THR B 91 24.69 -13.06 3.72
C THR B 91 23.37 -12.75 3.04
N THR B 92 22.25 -12.89 3.76
CA THR B 92 20.91 -12.65 3.22
C THR B 92 20.67 -13.51 1.97
N ASN B 93 20.72 -14.83 2.17
CA ASN B 93 20.60 -15.76 1.06
C ASN B 93 19.58 -16.84 1.40
N LYS B 94 18.64 -17.07 0.47
CA LYS B 94 17.64 -18.12 0.65
C LYS B 94 18.29 -19.47 0.42
N VAL B 95 18.66 -20.15 1.51
CA VAL B 95 19.28 -21.46 1.38
C VAL B 95 18.29 -22.49 0.87
N HIS B 96 17.04 -22.43 1.33
CA HIS B 96 16.01 -23.36 0.91
C HIS B 96 14.71 -22.61 0.71
N ALA B 97 13.82 -23.19 -0.10
CA ALA B 97 12.48 -22.66 -0.35
C ALA B 97 11.56 -23.86 -0.52
N ILE B 98 10.90 -24.26 0.56
CA ILE B 98 10.09 -25.47 0.60
C ILE B 98 8.68 -25.12 0.17
N PRO B 99 8.14 -25.72 -0.89
CA PRO B 99 6.74 -25.47 -1.27
C PRO B 99 5.80 -26.26 -0.39
N LEU B 100 4.89 -25.57 0.28
CA LEU B 100 4.00 -26.20 1.24
C LEU B 100 2.72 -26.68 0.57
N ARG B 101 2.20 -27.81 1.06
CA ARG B 101 0.96 -28.35 0.54
C ARG B 101 -0.22 -27.44 0.84
N SER B 102 -0.26 -26.87 2.05
CA SER B 102 -1.33 -25.99 2.47
C SER B 102 -0.85 -24.55 2.46
N SER B 103 -1.59 -23.69 1.76
CA SER B 103 -1.19 -22.29 1.65
C SER B 103 -1.23 -21.60 3.01
N TRP B 104 -2.25 -21.89 3.82
CA TRP B 104 -2.43 -21.21 5.10
C TRP B 104 -1.52 -21.85 6.15
N VAL B 105 -0.59 -21.06 6.66
CA VAL B 105 0.40 -21.52 7.63
C VAL B 105 0.39 -20.55 8.81
N MET B 106 0.37 -21.09 10.02
CA MET B 106 0.31 -20.25 11.22
C MET B 106 1.56 -20.30 12.08
N THR B 107 2.45 -21.27 11.87
CA THR B 107 3.61 -21.39 12.73
C THR B 107 4.72 -22.11 11.99
N CYS B 108 5.93 -21.97 12.50
CA CYS B 108 7.09 -22.67 11.97
C CYS B 108 8.17 -22.68 13.03
N ALA B 109 8.83 -23.83 13.18
CA ALA B 109 9.88 -24.01 14.17
C ALA B 109 11.11 -24.62 13.51
N TYR B 110 12.28 -24.23 13.98
CA TYR B 110 13.55 -24.72 13.47
C TYR B 110 14.17 -25.59 14.56
N ALA B 111 14.46 -26.84 14.23
CA ALA B 111 14.96 -27.78 15.22
C ALA B 111 16.31 -27.31 15.77
N PRO B 112 16.58 -27.54 17.06
CA PRO B 112 17.86 -27.07 17.62
C PRO B 112 19.07 -27.67 16.92
N SER B 113 18.98 -28.90 16.43
CA SER B 113 20.08 -29.48 15.68
C SER B 113 20.12 -29.00 14.23
N GLY B 114 19.04 -28.41 13.74
CA GLY B 114 18.97 -27.93 12.37
C GLY B 114 18.57 -28.97 11.36
N ASN B 115 18.42 -30.24 11.76
CA ASN B 115 18.04 -31.27 10.81
C ASN B 115 16.66 -31.04 10.22
N TYR B 116 15.71 -30.64 11.06
CA TYR B 116 14.30 -30.63 10.70
C TYR B 116 13.72 -29.23 10.86
N VAL B 117 12.66 -28.96 10.10
CA VAL B 117 11.87 -27.74 10.26
C VAL B 117 10.39 -28.12 10.27
N ALA B 118 9.67 -27.65 11.28
CA ALA B 118 8.27 -28.01 11.46
C ALA B 118 7.38 -26.86 11.01
N CYS B 119 6.28 -27.20 10.34
CA CYS B 119 5.31 -26.22 9.86
C CYS B 119 3.92 -26.66 10.26
N GLY B 120 3.17 -25.75 10.89
CA GLY B 120 1.79 -26.05 11.26
C GLY B 120 0.84 -24.98 10.79
N GLY B 121 -0.17 -25.38 10.02
CA GLY B 121 -1.09 -24.41 9.45
C GLY B 121 -2.55 -24.66 9.77
N LEU B 122 -3.43 -24.06 8.98
CA LEU B 122 -4.87 -24.20 9.19
C LEU B 122 -5.39 -25.58 8.81
N ASP B 123 -4.57 -26.40 8.14
CA ASP B 123 -4.99 -27.72 7.72
C ASP B 123 -5.00 -28.74 8.86
N ASN B 124 -4.83 -28.28 10.11
CA ASN B 124 -4.86 -29.13 11.29
C ASN B 124 -3.76 -30.17 11.30
N ILE B 125 -2.69 -29.94 10.53
CA ILE B 125 -1.63 -30.93 10.33
C ILE B 125 -0.29 -30.26 10.57
N CYS B 126 0.55 -30.90 11.38
CA CYS B 126 1.93 -30.47 11.57
C CYS B 126 2.84 -31.32 10.69
N SER B 127 3.56 -30.68 9.78
CA SER B 127 4.43 -31.36 8.83
C SER B 127 5.88 -31.08 9.18
N ILE B 128 6.68 -32.14 9.28
CA ILE B 128 8.09 -32.04 9.57
C ILE B 128 8.86 -32.23 8.27
N TYR B 129 9.73 -31.28 7.94
CA TYR B 129 10.51 -31.29 6.72
C TYR B 129 11.96 -31.60 7.06
N ASN B 130 12.54 -32.56 6.33
CA ASN B 130 13.93 -32.95 6.50
C ASN B 130 14.76 -32.14 5.52
N LEU B 131 15.78 -31.45 6.02
CA LEU B 131 16.51 -30.52 5.17
C LEU B 131 17.74 -31.16 4.54
N LYS B 132 18.71 -31.60 5.36
CA LYS B 132 19.98 -32.09 4.84
C LYS B 132 20.08 -33.62 4.91
N THR B 133 19.02 -34.32 4.55
CA THR B 133 19.09 -35.77 4.38
C THR B 133 20.04 -36.12 3.25
N ARG B 134 20.19 -37.44 3.02
CA ARG B 134 21.13 -37.90 2.00
C ARG B 134 20.84 -37.29 0.64
N GLU B 135 19.57 -37.28 0.24
CA GLU B 135 19.20 -36.59 -0.98
C GLU B 135 19.26 -35.08 -0.78
N GLY B 136 19.74 -34.38 -1.81
CA GLY B 136 19.83 -32.93 -1.73
C GLY B 136 18.47 -32.26 -1.62
N ASN B 137 17.48 -32.80 -2.32
CA ASN B 137 16.13 -32.25 -2.27
C ASN B 137 15.51 -32.46 -0.91
N VAL B 138 14.67 -31.52 -0.48
CA VAL B 138 13.98 -31.60 0.80
C VAL B 138 12.65 -32.32 0.60
N ARG B 139 12.15 -32.91 1.68
CA ARG B 139 10.90 -33.63 1.64
C ARG B 139 10.34 -33.73 3.05
N VAL B 140 9.25 -34.47 3.20
CA VAL B 140 8.58 -34.64 4.48
C VAL B 140 9.12 -35.88 5.16
N SER B 141 9.49 -35.75 6.43
CA SER B 141 9.87 -36.91 7.23
C SER B 141 8.64 -37.62 7.75
N ARG B 142 7.82 -36.92 8.52
CA ARG B 142 6.55 -37.44 9.01
C ARG B 142 5.50 -36.34 8.95
N GLU B 143 4.25 -36.75 8.84
CA GLU B 143 3.12 -35.82 8.71
C GLU B 143 2.19 -36.05 9.88
N LEU B 144 2.42 -35.33 10.97
CA LEU B 144 1.63 -35.52 12.19
C LEU B 144 0.19 -35.10 11.98
N ALA B 145 -0.72 -35.88 12.57
CA ALA B 145 -2.14 -35.59 12.46
C ALA B 145 -2.85 -36.10 13.71
N GLY B 146 -4.03 -35.56 13.95
CA GLY B 146 -4.81 -35.95 15.11
C GLY B 146 -5.51 -34.77 15.76
N HIS B 147 -4.95 -33.57 15.60
CA HIS B 147 -5.60 -32.37 16.10
C HIS B 147 -6.83 -32.06 15.26
N THR B 148 -7.88 -31.56 15.93
CA THR B 148 -9.09 -31.19 15.23
C THR B 148 -9.07 -29.73 14.79
N GLY B 149 -8.69 -28.83 15.68
CA GLY B 149 -8.57 -27.43 15.35
C GLY B 149 -7.24 -27.11 14.68
N TYR B 150 -7.12 -25.86 14.25
CA TYR B 150 -5.90 -25.40 13.62
C TYR B 150 -4.76 -25.40 14.64
N LEU B 151 -3.54 -25.58 14.13
CA LEU B 151 -2.34 -25.52 14.96
C LEU B 151 -1.78 -24.10 14.93
N SER B 152 -1.58 -23.53 16.12
CA SER B 152 -1.18 -22.14 16.25
C SER B 152 0.31 -21.95 16.48
N CYS B 153 0.95 -22.83 17.25
CA CYS B 153 2.37 -22.71 17.51
C CYS B 153 2.93 -24.08 17.87
N CYS B 154 4.02 -24.46 17.22
CA CYS B 154 4.72 -25.71 17.51
C CYS B 154 6.20 -25.41 17.69
N ARG B 155 6.83 -26.13 18.62
CA ARG B 155 8.25 -25.95 18.89
C ARG B 155 8.90 -27.30 19.06
N PHE B 156 10.20 -27.37 18.78
CA PHE B 156 10.96 -28.61 18.80
C PHE B 156 11.65 -28.78 20.15
N LEU B 157 11.30 -29.85 20.86
CA LEU B 157 12.08 -30.24 22.03
C LEU B 157 13.45 -30.76 21.61
N ASP B 158 13.46 -31.68 20.65
CA ASP B 158 14.68 -32.20 20.03
C ASP B 158 14.28 -32.81 18.70
N ASP B 159 15.19 -33.58 18.10
CA ASP B 159 14.86 -34.25 16.85
C ASP B 159 13.88 -35.39 17.04
N ASN B 160 13.57 -35.77 18.28
CA ASN B 160 12.69 -36.91 18.56
C ASN B 160 11.25 -36.50 18.84
N GLN B 161 11.04 -35.53 19.73
CA GLN B 161 9.70 -35.17 20.18
C GLN B 161 9.44 -33.69 19.93
N ILE B 162 8.21 -33.38 19.51
CA ILE B 162 7.78 -32.02 19.23
C ILE B 162 6.51 -31.74 20.01
N VAL B 163 6.44 -30.55 20.60
CA VAL B 163 5.25 -30.11 21.33
C VAL B 163 4.56 -29.03 20.51
N THR B 164 3.25 -29.15 20.35
CA THR B 164 2.47 -28.24 19.55
C THR B 164 1.20 -27.84 20.31
N SER B 165 0.65 -26.70 19.94
CA SER B 165 -0.59 -26.20 20.52
C SER B 165 -1.59 -25.93 19.40
N SER B 166 -2.81 -26.42 19.57
CA SER B 166 -3.80 -26.32 18.51
C SER B 166 -4.90 -25.34 18.90
N GLY B 167 -5.85 -25.16 18.00
CA GLY B 167 -7.00 -24.31 18.20
C GLY B 167 -8.19 -24.99 18.83
N ASP B 168 -8.06 -26.25 19.23
CA ASP B 168 -9.13 -26.97 19.90
C ASP B 168 -8.89 -27.09 21.40
N THR B 169 -8.30 -26.04 21.99
CA THR B 169 -8.05 -25.96 23.44
C THR B 169 -7.16 -27.10 23.93
N THR B 170 -6.24 -27.57 23.07
CA THR B 170 -5.39 -28.69 23.43
C THR B 170 -3.96 -28.44 23.00
N CYS B 171 -3.04 -29.14 23.67
CA CYS B 171 -1.65 -29.22 23.27
C CYS B 171 -1.26 -30.68 23.18
N ALA B 172 -0.36 -30.99 22.26
CA ALA B 172 0.05 -32.37 22.02
C ALA B 172 1.57 -32.46 22.00
N LEU B 173 2.12 -33.36 22.80
CA LEU B 173 3.53 -33.73 22.74
C LEU B 173 3.63 -35.05 22.00
N TRP B 174 4.37 -35.06 20.90
CA TRP B 174 4.40 -36.15 19.95
C TRP B 174 5.73 -36.91 20.07
N ASP B 175 5.85 -37.96 19.28
CA ASP B 175 7.15 -38.56 18.95
C ASP B 175 7.17 -38.70 17.43
N ILE B 176 8.12 -38.01 16.79
CA ILE B 176 8.05 -37.83 15.34
C ILE B 176 8.24 -39.16 14.61
N GLU B 177 9.09 -40.03 15.15
CA GLU B 177 9.42 -41.27 14.44
C GLU B 177 8.20 -42.17 14.27
N THR B 178 7.22 -42.08 15.16
CA THR B 178 6.01 -42.88 15.05
C THR B 178 4.75 -42.08 14.80
N GLY B 179 4.76 -40.76 15.01
CA GLY B 179 3.61 -39.94 14.76
C GLY B 179 2.41 -40.23 15.63
N GLN B 180 2.64 -40.37 16.94
CA GLN B 180 1.57 -40.63 17.89
C GLN B 180 1.61 -39.59 19.00
N GLN B 181 0.44 -39.33 19.58
CA GLN B 181 0.33 -38.37 20.67
C GLN B 181 0.90 -39.00 21.93
N THR B 182 2.16 -38.72 22.24
CA THR B 182 2.75 -39.24 23.46
C THR B 182 2.03 -38.69 24.69
N THR B 183 1.68 -37.41 24.67
CA THR B 183 0.96 -36.79 25.76
C THR B 183 0.00 -35.75 25.20
N THR B 184 -1.16 -35.62 25.85
CA THR B 184 -2.17 -34.65 25.46
C THR B 184 -2.50 -33.77 26.65
N PHE B 185 -2.10 -32.51 26.59
CA PHE B 185 -2.39 -31.53 27.62
C PHE B 185 -3.72 -30.87 27.30
N THR B 186 -4.67 -30.99 28.23
CA THR B 186 -6.00 -30.42 28.07
C THR B 186 -6.41 -29.73 29.36
N GLY B 187 -7.31 -28.75 29.23
CA GLY B 187 -7.76 -27.99 30.38
C GLY B 187 -7.98 -26.53 30.05
N HIS B 188 -7.49 -26.11 28.88
CA HIS B 188 -7.69 -24.73 28.46
C HIS B 188 -9.11 -24.52 27.93
N THR B 189 -9.55 -23.27 27.95
CA THR B 189 -10.83 -22.86 27.39
C THR B 189 -10.56 -21.88 26.26
N GLY B 190 -11.09 -22.18 25.08
CA GLY B 190 -10.87 -21.34 23.92
C GLY B 190 -9.59 -21.66 23.19
N ASP B 191 -9.43 -21.03 22.03
CA ASP B 191 -8.29 -21.32 21.16
C ASP B 191 -6.98 -21.05 21.88
N VAL B 192 -6.03 -21.97 21.73
CA VAL B 192 -4.68 -21.80 22.25
C VAL B 192 -3.84 -21.15 21.17
N MET B 193 -3.20 -20.02 21.50
CA MET B 193 -2.51 -19.21 20.52
C MET B 193 -1.00 -19.36 20.55
N SER B 194 -0.38 -19.19 21.71
CA SER B 194 1.07 -19.15 21.79
C SER B 194 1.62 -20.40 22.46
N LEU B 195 2.95 -20.51 22.45
CA LEU B 195 3.63 -21.67 23.01
C LEU B 195 5.09 -21.32 23.22
N SER B 196 5.61 -21.62 24.41
CA SER B 196 7.01 -21.37 24.72
C SER B 196 7.57 -22.53 25.52
N LEU B 197 8.87 -22.74 25.37
CA LEU B 197 9.57 -23.86 26.03
C LEU B 197 10.61 -23.31 26.99
N ALA B 198 10.63 -23.87 28.20
CA ALA B 198 11.62 -23.47 29.18
C ALA B 198 13.01 -23.95 28.76
N PRO B 199 14.06 -23.29 29.25
CA PRO B 199 15.42 -23.73 28.90
C PRO B 199 15.72 -25.17 29.26
N ASP B 200 15.16 -25.68 30.37
CA ASP B 200 15.38 -27.07 30.73
C ASP B 200 14.56 -28.03 29.88
N THR B 201 13.62 -27.53 29.09
CA THR B 201 12.77 -28.34 28.23
C THR B 201 12.00 -29.40 29.02
N ARG B 202 11.60 -29.07 30.25
CA ARG B 202 10.78 -29.94 31.07
C ARG B 202 9.43 -29.34 31.43
N LEU B 203 9.30 -28.01 31.42
CA LEU B 203 8.04 -27.33 31.65
C LEU B 203 7.79 -26.37 30.50
N PHE B 204 6.51 -26.12 30.20
CA PHE B 204 6.20 -25.18 29.14
C PHE B 204 4.90 -24.47 29.41
N VAL B 205 4.87 -23.17 29.12
CA VAL B 205 3.70 -22.33 29.31
C VAL B 205 2.91 -22.28 28.02
N SER B 206 1.59 -22.18 28.14
CA SER B 206 0.69 -22.11 27.01
C SER B 206 -0.32 -20.99 27.25
N GLY B 207 -0.47 -20.11 26.26
CA GLY B 207 -1.44 -19.03 26.33
C GLY B 207 -2.61 -19.32 25.42
N ALA B 208 -3.81 -19.05 25.92
CA ALA B 208 -5.03 -19.35 25.19
C ALA B 208 -5.92 -18.12 25.14
N CYS B 209 -7.04 -18.27 24.42
CA CYS B 209 -8.02 -17.19 24.29
C CYS B 209 -8.98 -17.17 25.48
N ASP B 210 -8.42 -17.14 26.69
CA ASP B 210 -9.22 -17.02 27.90
C ASP B 210 -8.57 -16.11 28.93
N ALA B 211 -7.58 -15.31 28.52
CA ALA B 211 -6.83 -14.46 29.43
C ALA B 211 -6.16 -15.26 30.54
N SER B 212 -5.76 -16.50 30.22
CA SER B 212 -5.13 -17.37 31.19
C SER B 212 -3.95 -18.09 30.56
N ALA B 213 -2.84 -18.13 31.27
CA ALA B 213 -1.64 -18.84 30.83
C ALA B 213 -1.42 -20.03 31.76
N LYS B 214 -1.29 -21.21 31.18
CA LYS B 214 -1.18 -22.45 31.95
C LYS B 214 0.21 -23.05 31.78
N LEU B 215 0.86 -23.32 32.90
CA LEU B 215 2.15 -24.00 32.92
C LEU B 215 1.92 -25.50 33.04
N TRP B 216 2.39 -26.25 32.04
CA TRP B 216 2.28 -27.70 32.02
C TRP B 216 3.64 -28.35 32.15
N ASP B 217 3.64 -29.58 32.64
CA ASP B 217 4.82 -30.43 32.68
C ASP B 217 4.67 -31.52 31.63
N VAL B 218 5.70 -31.67 30.79
CA VAL B 218 5.61 -32.63 29.69
C VAL B 218 5.56 -34.05 30.22
N ARG B 219 6.29 -34.34 31.29
CA ARG B 219 6.36 -35.69 31.82
C ARG B 219 5.10 -36.12 32.56
N GLU B 220 4.19 -35.18 32.85
CA GLU B 220 2.97 -35.49 33.59
C GLU B 220 1.72 -35.39 32.73
N GLY B 221 1.49 -34.24 32.10
CA GLY B 221 0.40 -34.10 31.16
C GLY B 221 -0.81 -33.34 31.67
N MET B 222 -0.75 -32.74 32.84
CA MET B 222 -1.85 -31.95 33.36
C MET B 222 -1.37 -30.54 33.69
N CYS B 223 -2.33 -29.67 33.98
CA CYS B 223 -2.05 -28.26 34.25
C CYS B 223 -1.34 -28.14 35.58
N ARG B 224 0.00 -27.99 35.55
CA ARG B 224 0.75 -27.83 36.77
C ARG B 224 0.40 -26.53 37.47
N GLN B 225 0.23 -25.45 36.71
CA GLN B 225 -0.05 -24.16 37.31
C GLN B 225 -0.90 -23.33 36.34
N THR B 226 -1.65 -22.36 36.89
CA THR B 226 -2.47 -21.48 36.06
C THR B 226 -2.17 -20.05 36.50
N PHE B 227 -2.05 -19.13 35.53
CA PHE B 227 -1.72 -17.74 35.84
C PHE B 227 -2.71 -16.84 35.12
N THR B 228 -3.54 -16.15 35.88
CA THR B 228 -4.54 -15.27 35.27
C THR B 228 -4.44 -13.83 35.74
N GLY B 229 -4.28 -12.90 34.81
CA GLY B 229 -4.23 -11.49 35.15
C GLY B 229 -4.63 -10.61 33.98
N HIS B 230 -4.73 -11.22 32.80
CA HIS B 230 -5.09 -10.49 31.60
C HIS B 230 -6.60 -10.35 31.50
N GLU B 231 -7.04 -9.57 30.51
CA GLU B 231 -8.45 -9.29 30.32
C GLU B 231 -8.97 -9.65 28.94
N SER B 232 -8.15 -10.24 28.07
CA SER B 232 -8.59 -10.61 26.74
C SER B 232 -7.73 -11.75 26.23
N ASP B 233 -7.86 -12.05 24.94
CA ASP B 233 -7.13 -13.16 24.33
C ASP B 233 -5.63 -12.94 24.46
N ILE B 234 -4.92 -14.00 24.84
CA ILE B 234 -3.46 -13.97 24.92
C ILE B 234 -2.89 -14.42 23.58
N ASN B 235 -2.01 -13.59 23.01
CA ASN B 235 -1.51 -13.81 21.67
C ASN B 235 -0.06 -14.27 21.60
N ALA B 236 0.74 -14.03 22.64
CA ALA B 236 2.13 -14.47 22.62
C ALA B 236 2.61 -14.67 24.05
N ILE B 237 3.63 -15.51 24.21
CA ILE B 237 4.16 -15.85 25.51
C ILE B 237 5.60 -16.30 25.33
N CYS B 238 6.42 -16.06 26.36
CA CYS B 238 7.84 -16.42 26.26
C CYS B 238 8.47 -16.45 27.64
N PHE B 239 9.24 -17.50 27.93
CA PHE B 239 9.95 -17.58 29.19
C PHE B 239 11.03 -16.52 29.32
N PHE B 240 11.27 -16.12 30.56
CA PHE B 240 12.49 -15.41 30.92
C PHE B 240 13.69 -16.35 30.74
N PRO B 241 14.85 -15.81 30.40
CA PRO B 241 16.04 -16.68 30.27
C PRO B 241 16.35 -17.45 31.55
N ASN B 242 16.08 -16.88 32.72
CA ASN B 242 16.32 -17.60 33.96
C ASN B 242 15.42 -18.82 34.08
N GLY B 243 14.26 -18.80 33.43
CA GLY B 243 13.32 -19.90 33.52
C GLY B 243 12.39 -19.87 34.70
N ASN B 244 12.52 -18.88 35.59
CA ASN B 244 11.65 -18.74 36.75
C ASN B 244 10.50 -17.77 36.52
N ALA B 245 10.36 -17.24 35.31
CA ALA B 245 9.30 -16.30 35.00
C ALA B 245 9.06 -16.30 33.50
N PHE B 246 7.95 -15.70 33.10
CA PHE B 246 7.64 -15.60 31.68
C PHE B 246 6.76 -14.38 31.44
N ALA B 247 6.91 -13.80 30.27
CA ALA B 247 6.13 -12.65 29.84
C ALA B 247 5.02 -13.11 28.90
N THR B 248 3.91 -12.38 28.95
CA THR B 248 2.73 -12.71 28.17
C THR B 248 2.17 -11.44 27.54
N GLY B 249 1.97 -11.47 26.23
CA GLY B 249 1.37 -10.38 25.50
C GLY B 249 -0.01 -10.80 24.99
N SER B 250 -1.01 -10.01 25.33
CA SER B 250 -2.40 -10.32 25.01
C SER B 250 -2.97 -9.22 24.13
N ASP B 251 -4.27 -9.31 23.88
CA ASP B 251 -4.99 -8.30 23.11
C ASP B 251 -5.46 -7.14 23.98
N ASP B 252 -5.20 -7.19 25.28
CA ASP B 252 -5.52 -6.14 26.23
C ASP B 252 -4.56 -4.92 26.08
N ALA B 253 -3.72 -4.96 25.05
CA ALA B 253 -2.73 -3.91 24.77
C ALA B 253 -1.77 -3.71 25.93
N THR B 254 -1.52 -4.78 26.69
CA THR B 254 -0.58 -4.73 27.80
C THR B 254 0.22 -6.03 27.84
N CYS B 255 1.42 -5.95 28.39
CA CYS B 255 2.28 -7.10 28.61
C CYS B 255 2.47 -7.32 30.10
N ARG B 256 2.30 -8.55 30.55
CA ARG B 256 2.40 -8.89 31.96
C ARG B 256 3.50 -9.92 32.17
N LEU B 257 4.38 -9.63 33.12
CA LEU B 257 5.47 -10.53 33.48
C LEU B 257 5.03 -11.35 34.69
N PHE B 258 4.61 -12.59 34.45
CA PHE B 258 4.17 -13.46 35.52
C PHE B 258 5.37 -14.11 36.21
N ASP B 259 5.09 -15.01 37.14
CA ASP B 259 6.15 -15.68 37.88
C ASP B 259 5.71 -17.08 38.25
N LEU B 260 6.55 -18.07 37.94
CA LEU B 260 6.23 -19.45 38.28
C LEU B 260 6.20 -19.66 39.78
N ARG B 261 7.21 -19.16 40.49
CA ARG B 261 7.30 -19.39 41.92
C ARG B 261 6.29 -18.54 42.69
N ALA B 262 6.15 -17.26 42.31
CA ALA B 262 5.23 -16.38 43.01
C ALA B 262 3.78 -16.72 42.74
N ASP B 263 3.49 -17.47 41.67
CA ASP B 263 2.12 -17.88 41.34
C ASP B 263 1.18 -16.70 41.09
N GLN B 264 1.75 -15.53 40.76
CA GLN B 264 0.92 -14.37 40.52
C GLN B 264 1.58 -13.36 39.59
N GLU B 265 0.85 -12.30 39.26
CA GLU B 265 1.44 -11.24 38.45
C GLU B 265 2.53 -10.51 39.22
N LEU B 266 3.55 -10.05 38.49
CA LEU B 266 4.63 -9.27 39.07
C LEU B 266 4.65 -7.83 38.55
N MET B 267 4.42 -7.64 37.26
CA MET B 267 4.50 -6.31 36.67
C MET B 267 3.71 -6.30 35.38
N THR B 268 3.19 -5.13 35.01
CA THR B 268 2.44 -4.97 33.77
C THR B 268 3.11 -3.88 32.93
N TYR B 269 3.11 -4.10 31.61
CA TYR B 269 3.72 -3.19 30.65
C TYR B 269 2.58 -2.59 29.82
N SER B 270 2.09 -1.43 30.24
CA SER B 270 0.99 -0.77 29.55
C SER B 270 1.32 0.72 29.41
N HIS B 271 0.75 1.33 28.39
CA HIS B 271 0.90 2.76 28.15
C HIS B 271 -0.46 3.33 27.80
N ASP B 272 -0.61 4.63 28.05
CA ASP B 272 -1.91 5.28 27.83
C ASP B 272 -2.28 5.30 26.35
N ASN B 273 -1.31 5.53 25.48
CA ASN B 273 -1.59 5.80 24.08
C ASN B 273 -1.61 4.57 23.18
N ILE B 274 -1.35 3.38 23.71
CA ILE B 274 -1.35 2.16 22.90
C ILE B 274 -2.74 1.54 23.01
N ILE B 275 -3.45 1.48 21.88
CA ILE B 275 -4.80 0.93 21.82
C ILE B 275 -4.73 -0.27 20.89
N CYS B 276 -3.58 -0.92 20.85
CA CYS B 276 -3.34 -2.03 19.94
C CYS B 276 -2.86 -3.24 20.72
N GLY B 277 -3.39 -4.42 20.36
CA GLY B 277 -3.03 -5.64 21.06
C GLY B 277 -1.66 -6.14 20.64
N ILE B 278 -0.93 -6.69 21.60
CA ILE B 278 0.38 -7.27 21.33
C ILE B 278 0.22 -8.52 20.48
N THR B 279 0.97 -8.60 19.39
CA THR B 279 0.96 -9.79 18.56
C THR B 279 2.09 -10.76 18.93
N SER B 280 3.28 -10.25 19.21
CA SER B 280 4.39 -11.12 19.59
C SER B 280 5.15 -10.51 20.75
N VAL B 281 5.88 -11.37 21.47
CA VAL B 281 6.70 -10.91 22.59
C VAL B 281 7.90 -11.83 22.72
N SER B 282 9.05 -11.25 23.07
CA SER B 282 10.25 -12.05 23.29
C SER B 282 11.25 -11.27 24.12
N PHE B 283 11.96 -11.98 24.99
CA PHE B 283 12.97 -11.35 25.83
C PHE B 283 14.27 -11.17 25.05
N SER B 284 15.29 -10.66 25.73
CA SER B 284 16.63 -10.55 25.19
C SER B 284 17.49 -11.67 25.79
N LYS B 285 18.79 -11.63 25.49
CA LYS B 285 19.69 -12.65 26.03
C LYS B 285 19.78 -12.56 27.56
N SER B 286 19.91 -11.35 28.10
CA SER B 286 20.00 -11.17 29.54
C SER B 286 18.64 -10.93 30.18
N GLY B 287 17.59 -10.74 29.39
CA GLY B 287 16.26 -10.51 29.93
C GLY B 287 15.98 -9.11 30.41
N ARG B 288 16.94 -8.19 30.29
CA ARG B 288 16.66 -6.81 30.66
C ARG B 288 15.64 -6.16 29.75
N LEU B 289 15.73 -6.43 28.46
CA LEU B 289 14.77 -5.88 27.51
C LEU B 289 13.62 -6.84 27.31
N LEU B 290 12.53 -6.32 26.75
CA LEU B 290 11.36 -7.12 26.41
C LEU B 290 10.79 -6.53 25.13
N LEU B 291 11.07 -7.18 24.01
CA LEU B 291 10.66 -6.65 22.71
C LEU B 291 9.29 -7.22 22.38
N ALA B 292 8.30 -6.35 22.25
CA ALA B 292 6.93 -6.76 21.98
C ALA B 292 6.47 -6.12 20.68
N GLY B 293 6.02 -6.95 19.75
CA GLY B 293 5.47 -6.48 18.49
C GLY B 293 3.97 -6.31 18.55
N TYR B 294 3.52 -5.06 18.37
CA TYR B 294 2.14 -4.66 18.52
C TYR B 294 1.41 -4.68 17.19
N ASP B 295 0.15 -4.25 17.21
CA ASP B 295 -0.66 -4.15 16.01
C ASP B 295 -0.58 -2.78 15.35
N ASP B 296 0.08 -1.81 15.98
CA ASP B 296 0.23 -0.47 15.41
C ASP B 296 1.45 -0.35 14.53
N PHE B 297 1.89 -1.46 13.94
CA PHE B 297 2.97 -1.54 12.96
C PHE B 297 4.34 -1.29 13.58
N ASN B 298 4.45 -1.36 14.90
CA ASN B 298 5.68 -1.03 15.61
C ASN B 298 6.14 -2.23 16.43
N CYS B 299 7.30 -2.06 17.07
CA CYS B 299 7.87 -3.06 17.97
C CYS B 299 8.53 -2.31 19.11
N ASN B 300 7.91 -2.35 20.29
CA ASN B 300 8.35 -1.55 21.41
C ASN B 300 9.23 -2.37 22.35
N VAL B 301 10.29 -1.74 22.84
CA VAL B 301 11.28 -2.39 23.68
C VAL B 301 11.04 -1.92 25.11
N TRP B 302 10.24 -2.68 25.85
CA TRP B 302 9.97 -2.34 27.25
C TRP B 302 11.15 -2.74 28.12
N ASP B 303 11.58 -1.84 28.99
CA ASP B 303 12.57 -2.19 29.99
C ASP B 303 11.90 -3.09 31.03
N ALA B 304 12.20 -4.38 30.96
CA ALA B 304 11.47 -5.38 31.74
C ALA B 304 11.73 -5.29 33.24
N LEU B 305 12.47 -4.30 33.71
CA LEU B 305 12.68 -4.13 35.14
C LEU B 305 12.07 -2.85 35.70
N LYS B 306 11.72 -1.88 34.83
CA LYS B 306 11.08 -0.66 35.27
C LYS B 306 9.78 -0.37 34.53
N ALA B 307 9.41 -1.18 33.55
CA ALA B 307 8.12 -1.07 32.86
C ALA B 307 7.96 0.28 32.17
N ASP B 308 9.06 0.85 31.68
CA ASP B 308 9.04 2.09 30.93
C ASP B 308 9.62 1.85 29.54
N ARG B 309 8.86 2.22 28.51
CA ARG B 309 9.29 1.98 27.15
C ARG B 309 10.57 2.75 26.85
N ALA B 310 11.53 2.08 26.21
CA ALA B 310 12.83 2.66 25.92
C ALA B 310 13.28 2.30 24.50
N GLY B 311 12.36 2.42 23.54
CA GLY B 311 12.72 2.18 22.16
C GLY B 311 11.59 1.71 21.29
N VAL B 312 11.53 2.19 20.06
CA VAL B 312 10.49 1.84 19.10
C VAL B 312 11.15 1.39 17.80
N LEU B 313 10.62 0.31 17.22
CA LEU B 313 11.14 -0.24 15.97
C LEU B 313 10.02 -0.13 14.94
N ALA B 314 9.97 1.00 14.24
CA ALA B 314 8.87 1.33 13.34
C ALA B 314 9.22 1.12 11.88
N GLY B 315 10.00 0.08 11.57
CA GLY B 315 10.39 -0.16 10.20
C GLY B 315 9.37 -0.86 9.33
N HIS B 316 8.24 -1.27 9.89
CA HIS B 316 7.24 -2.03 9.17
C HIS B 316 6.02 -1.17 8.88
N ASP B 317 5.48 -1.31 7.68
CA ASP B 317 4.27 -0.61 7.28
C ASP B 317 3.00 -1.42 7.54
N ASN B 318 3.12 -2.64 8.02
CA ASN B 318 1.98 -3.46 8.38
C ASN B 318 2.23 -4.09 9.75
N ARG B 319 1.23 -4.80 10.27
CA ARG B 319 1.34 -5.37 11.59
C ARG B 319 2.44 -6.43 11.63
N VAL B 320 3.17 -6.47 12.74
CA VAL B 320 4.26 -7.43 12.89
C VAL B 320 3.68 -8.74 13.40
N SER B 321 3.95 -9.82 12.68
CA SER B 321 3.37 -11.12 13.01
C SER B 321 4.20 -11.87 14.03
N CYS B 322 5.52 -11.94 13.84
CA CYS B 322 6.38 -12.66 14.76
C CYS B 322 7.66 -11.87 14.98
N LEU B 323 8.30 -12.16 16.11
CA LEU B 323 9.44 -11.37 16.57
C LEU B 323 10.37 -12.30 17.33
N GLY B 324 11.47 -12.71 16.70
CA GLY B 324 12.41 -13.65 17.28
C GLY B 324 13.71 -12.97 17.68
N VAL B 325 14.39 -13.55 18.66
CA VAL B 325 15.66 -13.06 19.16
C VAL B 325 16.67 -14.20 19.07
N THR B 326 17.85 -13.90 18.54
CA THR B 326 18.88 -14.93 18.38
C THR B 326 19.34 -15.45 19.74
N ASP B 327 19.84 -16.68 19.71
CA ASP B 327 20.28 -17.33 20.95
C ASP B 327 21.42 -16.56 21.61
N ASP B 328 22.38 -16.08 20.80
CA ASP B 328 23.48 -15.30 21.33
C ASP B 328 23.11 -13.86 21.65
N GLY B 329 21.92 -13.42 21.24
CA GLY B 329 21.49 -12.07 21.54
C GLY B 329 22.15 -10.99 20.71
N MET B 330 22.69 -11.34 19.55
CA MET B 330 23.35 -10.35 18.70
C MET B 330 22.41 -9.69 17.70
N ALA B 331 21.17 -10.16 17.57
CA ALA B 331 20.24 -9.58 16.61
C ALA B 331 18.83 -9.92 17.02
N VAL B 332 17.88 -9.15 16.46
CA VAL B 332 16.46 -9.38 16.65
C VAL B 332 15.79 -9.29 15.29
N ALA B 333 15.11 -10.36 14.89
CA ALA B 333 14.50 -10.40 13.57
C ALA B 333 12.98 -10.37 13.70
N THR B 334 12.36 -9.42 13.01
CA THR B 334 10.92 -9.19 13.10
C THR B 334 10.29 -9.36 11.73
N GLY B 335 9.24 -10.18 11.65
CA GLY B 335 8.43 -10.27 10.47
C GLY B 335 7.23 -9.33 10.54
N SER B 336 6.46 -9.33 9.46
CA SER B 336 5.26 -8.51 9.41
C SER B 336 4.37 -9.02 8.28
N TRP B 337 3.21 -8.40 8.13
CA TRP B 337 2.24 -8.80 7.12
C TRP B 337 2.50 -8.16 5.76
N ASP B 338 3.62 -7.45 5.61
CA ASP B 338 3.99 -6.84 4.34
C ASP B 338 4.96 -7.72 3.54
N SER B 339 5.15 -8.97 3.95
CA SER B 339 6.07 -9.91 3.32
C SER B 339 7.52 -9.48 3.43
N PHE B 340 7.84 -8.59 4.36
CA PHE B 340 9.21 -8.12 4.57
C PHE B 340 9.65 -8.45 5.99
N LEU B 341 10.79 -9.11 6.11
CA LEU B 341 11.36 -9.49 7.39
C LEU B 341 12.64 -8.70 7.60
N LYS B 342 12.75 -8.02 8.74
CA LYS B 342 13.84 -7.12 9.01
C LYS B 342 14.70 -7.63 10.15
N ILE B 343 15.97 -7.26 10.14
CA ILE B 343 16.92 -7.60 11.20
C ILE B 343 17.36 -6.31 11.87
N TRP B 344 17.35 -6.29 13.19
CA TRP B 344 17.65 -5.11 13.98
C TRP B 344 18.75 -5.44 14.98
N ASN B 345 19.61 -4.46 15.25
CA ASN B 345 20.71 -4.66 16.17
C ASN B 345 21.07 -3.34 16.85
N VAL C 15 -10.99 -30.59 36.90
CA VAL C 15 -11.22 -30.07 38.24
C VAL C 15 -10.05 -30.45 39.15
N GLU C 16 -9.28 -31.46 38.74
CA GLU C 16 -8.14 -31.88 39.53
C GLU C 16 -6.99 -30.89 39.44
N GLN C 17 -6.89 -30.15 38.34
CA GLN C 17 -5.80 -29.20 38.15
C GLN C 17 -5.83 -28.11 39.21
N LEU C 18 -7.03 -27.59 39.51
CA LEU C 18 -7.15 -26.61 40.58
C LEU C 18 -6.85 -27.22 41.94
N LYS C 19 -7.11 -28.51 42.11
CA LYS C 19 -6.83 -29.17 43.38
C LYS C 19 -5.34 -29.34 43.61
N MET C 20 -4.59 -29.73 42.57
CA MET C 20 -3.17 -30.01 42.73
C MET C 20 -2.30 -28.78 42.60
N GLU C 21 -2.89 -27.60 42.40
CA GLU C 21 -2.10 -26.38 42.35
C GLU C 21 -2.28 -25.57 43.64
N ALA C 22 -3.25 -25.95 44.47
CA ALA C 22 -3.50 -25.23 45.71
C ALA C 22 -2.57 -25.68 46.81
N ASN C 23 -1.74 -26.68 46.55
CA ASN C 23 -0.82 -27.22 47.54
C ASN C 23 0.65 -26.94 47.22
N ILE C 24 0.93 -26.17 46.16
CA ILE C 24 2.31 -25.84 45.84
C ILE C 24 2.87 -24.89 46.89
N ASP C 25 4.21 -24.82 46.93
CA ASP C 25 4.88 -23.99 47.91
C ASP C 25 4.63 -22.51 47.64
N ARG C 26 4.67 -21.71 48.70
CA ARG C 26 4.49 -20.28 48.63
C ARG C 26 5.85 -19.60 48.59
N ILE C 27 6.01 -18.67 47.64
CA ILE C 27 7.29 -18.01 47.39
C ILE C 27 7.12 -16.51 47.60
N LYS C 28 8.04 -15.93 48.35
CA LYS C 28 7.96 -14.50 48.67
C LYS C 28 8.27 -13.68 47.43
N VAL C 29 7.31 -12.83 47.04
CA VAL C 29 7.43 -12.07 45.80
C VAL C 29 8.59 -11.08 45.89
N SER C 30 8.81 -10.50 47.08
CA SER C 30 9.91 -9.54 47.24
C SER C 30 11.24 -10.18 46.89
N LYS C 31 11.56 -11.32 47.50
CA LYS C 31 12.85 -11.94 47.25
C LYS C 31 12.90 -12.60 45.88
N ALA C 32 11.75 -13.03 45.35
CA ALA C 32 11.74 -13.54 43.98
C ALA C 32 12.11 -12.44 42.99
N ALA C 33 11.54 -11.25 43.15
CA ALA C 33 11.88 -10.13 42.29
C ALA C 33 13.32 -9.70 42.49
N ALA C 34 13.80 -9.72 43.74
CA ALA C 34 15.21 -9.41 43.99
C ALA C 34 16.13 -10.38 43.28
N ASP C 35 15.80 -11.67 43.32
CA ASP C 35 16.61 -12.67 42.64
C ASP C 35 16.58 -12.48 41.13
N LEU C 36 15.41 -12.17 40.58
CA LEU C 36 15.31 -11.91 39.14
C LEU C 36 16.16 -10.71 38.75
N MET C 37 16.10 -9.63 39.54
CA MET C 37 16.92 -8.47 39.27
C MET C 37 18.41 -8.79 39.36
N ALA C 38 18.79 -9.60 40.36
CA ALA C 38 20.20 -9.98 40.50
C ALA C 38 20.67 -10.77 39.29
N TYR C 39 19.87 -11.73 38.84
CA TYR C 39 20.24 -12.49 37.65
C TYR C 39 20.35 -11.59 36.43
N CYS C 40 19.39 -10.66 36.28
CA CYS C 40 19.40 -9.78 35.12
C CYS C 40 20.65 -8.90 35.11
N GLU C 41 21.03 -8.37 36.28
CA GLU C 41 22.23 -7.52 36.32
C GLU C 41 23.50 -8.35 36.20
N ALA C 42 23.46 -9.62 36.62
CA ALA C 42 24.64 -10.47 36.52
C ALA C 42 24.91 -10.87 35.07
N HIS C 43 23.85 -11.13 34.31
CA HIS C 43 23.99 -11.53 32.91
C HIS C 43 23.97 -10.35 31.95
N ALA C 44 23.93 -9.12 32.45
CA ALA C 44 23.85 -7.96 31.57
C ALA C 44 25.11 -7.79 30.73
N LYS C 45 26.28 -8.12 31.28
CA LYS C 45 27.52 -7.99 30.51
C LYS C 45 27.53 -8.90 29.30
N GLU C 46 26.80 -10.01 29.35
CA GLU C 46 26.76 -10.97 28.26
C GLU C 46 25.64 -10.68 27.25
N ASP C 47 24.92 -9.58 27.41
CA ASP C 47 23.90 -9.20 26.45
C ASP C 47 24.48 -8.20 25.48
N PRO C 48 24.74 -8.58 24.23
CA PRO C 48 25.28 -7.60 23.28
C PRO C 48 24.19 -6.81 22.59
N LEU C 49 23.20 -6.38 23.36
CA LEU C 49 22.12 -5.59 22.77
C LEU C 49 21.85 -4.33 23.58
N LEU C 50 21.97 -4.40 24.92
CA LEU C 50 21.87 -3.20 25.74
C LEU C 50 22.96 -2.22 25.39
N THR C 51 24.21 -2.61 25.64
CA THR C 51 25.35 -1.79 25.25
C THR C 51 25.65 -2.01 23.78
N PRO C 52 25.70 -0.96 22.96
CA PRO C 52 25.98 -1.14 21.54
C PRO C 52 27.34 -1.80 21.34
N VAL C 53 27.40 -2.71 20.36
CA VAL C 53 28.61 -3.47 20.07
C VAL C 53 29.35 -2.81 18.92
N PRO C 54 30.68 -2.69 18.99
CA PRO C 54 31.42 -2.13 17.85
C PRO C 54 31.23 -2.97 16.60
N ALA C 55 31.23 -2.30 15.46
CA ALA C 55 30.96 -2.97 14.18
C ALA C 55 32.05 -3.98 13.81
N SER C 56 33.20 -3.93 14.47
CA SER C 56 34.27 -4.88 14.16
C SER C 56 33.84 -6.31 14.46
N GLU C 57 33.18 -6.52 15.60
CA GLU C 57 32.70 -7.84 16.00
C GLU C 57 31.20 -7.99 15.81
N ASN C 58 30.59 -7.11 15.02
CA ASN C 58 29.16 -7.19 14.74
C ASN C 58 28.94 -7.77 13.36
N PRO C 59 28.44 -9.00 13.23
CA PRO C 59 28.24 -9.58 11.90
C PRO C 59 27.22 -8.85 11.06
N PHE C 60 26.31 -8.09 11.68
CA PHE C 60 25.28 -7.35 10.96
C PHE C 60 25.77 -5.91 10.79
N ARG C 61 26.18 -5.57 9.57
CA ARG C 61 26.66 -4.24 9.27
C ARG C 61 26.56 -3.94 7.78
N HIS D 1 1.65 19.07 -29.79
CA HIS D 1 2.88 19.12 -30.57
C HIS D 1 3.16 20.53 -31.07
N SER D 2 2.38 21.50 -30.56
CA SER D 2 2.56 22.88 -30.97
C SER D 2 3.81 23.52 -30.38
N GLN D 3 4.48 22.86 -29.43
CA GLN D 3 5.72 23.41 -28.88
C GLN D 3 6.80 23.47 -29.95
N GLY D 4 6.87 22.46 -30.81
CA GLY D 4 7.81 22.50 -31.92
C GLY D 4 7.55 23.65 -32.87
N THR D 5 6.28 23.89 -33.19
CA THR D 5 5.92 25.02 -34.02
C THR D 5 6.29 26.33 -33.34
N PHE D 6 6.05 26.42 -32.03
CA PHE D 6 6.39 27.65 -31.30
C PHE D 6 7.89 27.90 -31.33
N THR D 7 8.70 26.87 -31.12
CA THR D 7 10.14 27.09 -31.10
C THR D 7 10.69 27.34 -32.50
N SER D 8 10.09 26.74 -33.54
CA SER D 8 10.48 27.06 -34.90
C SER D 8 10.16 28.52 -35.23
N ASP D 9 8.98 28.99 -34.81
CA ASP D 9 8.62 30.39 -35.02
C ASP D 9 9.55 31.30 -34.25
N TYR D 10 9.94 30.88 -33.06
CA TYR D 10 10.88 31.64 -32.24
C TYR D 10 12.20 31.77 -33.02
N SER D 11 12.72 30.65 -33.51
CA SER D 11 14.00 30.67 -34.23
C SER D 11 13.91 31.56 -35.46
N LYS D 12 12.81 31.48 -36.20
CA LYS D 12 12.65 32.34 -37.38
C LYS D 12 12.59 33.81 -36.98
N TYR D 13 11.93 34.12 -35.87
CA TYR D 13 11.85 35.50 -35.40
C TYR D 13 13.23 36.02 -35.01
N LEU D 14 14.02 35.21 -34.30
CA LEU D 14 15.38 35.62 -33.99
C LEU D 14 16.22 35.80 -35.25
N ASP D 15 16.04 34.94 -36.25
CA ASP D 15 16.79 35.08 -37.49
C ASP D 15 16.45 36.39 -38.19
N GLU D 16 15.17 36.71 -38.32
CA GLU D 16 14.83 37.94 -39.05
C GLU D 16 15.30 39.17 -38.27
N GLN D 17 15.41 39.03 -36.95
CA GLN D 17 15.88 40.15 -36.13
C GLN D 17 17.37 40.31 -36.28
N ALA D 18 18.08 39.21 -36.45
CA ALA D 18 19.52 39.28 -36.65
C ALA D 18 19.81 39.83 -38.03
N ALA D 19 18.90 39.64 -38.98
CA ALA D 19 19.08 40.20 -40.31
C ALA D 19 19.02 41.69 -40.22
N LYS D 20 18.12 42.20 -39.38
CA LYS D 20 18.05 43.64 -39.18
C LYS D 20 19.38 44.15 -38.67
N GLU D 21 19.94 43.47 -37.68
CA GLU D 21 21.25 43.88 -37.14
C GLU D 21 22.33 43.89 -38.22
N PHE D 22 22.34 42.87 -39.07
CA PHE D 22 23.34 42.81 -40.13
C PHE D 22 23.24 43.99 -41.08
N ILE D 23 22.04 44.25 -41.60
CA ILE D 23 21.89 45.34 -42.54
C ILE D 23 22.02 46.70 -41.88
N ALA D 24 21.85 46.76 -40.57
CA ALA D 24 22.04 48.02 -39.87
C ALA D 24 23.50 48.39 -39.94
N TRP D 25 24.37 47.55 -39.37
CA TRP D 25 25.78 47.91 -39.33
C TRP D 25 26.36 48.10 -40.74
N LEU D 26 25.86 47.34 -41.70
CA LEU D 26 26.37 47.45 -43.06
C LEU D 26 26.04 48.81 -43.62
N MET D 27 24.78 49.22 -43.51
CA MET D 27 24.37 50.53 -44.01
C MET D 27 25.06 51.65 -43.26
N ASN D 28 25.16 51.52 -41.93
CA ASN D 28 25.82 52.54 -41.13
C ASN D 28 27.24 52.75 -41.62
N THR D 29 27.99 51.66 -41.75
CA THR D 29 29.35 51.76 -42.27
C THR D 29 29.35 51.73 -43.79
N GLN E 3 -8.77 -11.90 36.72
CA GLN E 3 -9.85 -12.84 36.45
C GLN E 3 -11.08 -12.14 35.90
N VAL E 4 -11.50 -12.52 34.70
CA VAL E 4 -12.69 -11.95 34.06
C VAL E 4 -13.90 -12.69 34.63
N GLN E 5 -14.63 -12.03 35.52
CA GLN E 5 -15.79 -12.63 36.18
C GLN E 5 -17.02 -11.79 35.88
N LEU E 6 -18.12 -12.46 35.54
CA LEU E 6 -19.39 -11.80 35.20
C LEU E 6 -20.48 -12.47 36.02
N GLN E 7 -20.73 -11.95 37.23
CA GLN E 7 -21.79 -12.47 38.07
C GLN E 7 -23.13 -11.95 37.58
N GLU E 8 -24.14 -12.82 37.60
CA GLU E 8 -25.47 -12.46 37.13
C GLU E 8 -26.49 -12.73 38.23
N SER E 9 -27.41 -11.78 38.41
CA SER E 9 -28.44 -11.90 39.43
C SER E 9 -29.82 -11.66 38.84
N GLY E 10 -30.83 -11.55 39.69
CA GLY E 10 -32.19 -11.38 39.22
C GLY E 10 -32.79 -12.68 38.72
N GLY E 11 -33.73 -12.55 37.80
CA GLY E 11 -34.37 -13.73 37.23
C GLY E 11 -35.39 -14.34 38.16
N GLY E 12 -35.71 -15.59 37.88
CA GLY E 12 -36.68 -16.34 38.64
C GLY E 12 -37.94 -16.61 37.86
N LEU E 13 -39.03 -16.82 38.61
CA LEU E 13 -40.33 -17.15 38.02
C LEU E 13 -41.19 -15.88 38.01
N VAL E 14 -41.68 -15.51 36.83
CA VAL E 14 -42.52 -14.33 36.66
C VAL E 14 -43.75 -14.72 35.84
N GLN E 15 -44.91 -14.22 36.26
CA GLN E 15 -46.13 -14.48 35.53
C GLN E 15 -46.07 -13.83 34.15
N PRO E 16 -46.76 -14.40 33.15
CA PRO E 16 -46.71 -13.82 31.81
C PRO E 16 -47.24 -12.39 31.78
N GLY E 17 -46.62 -11.56 30.95
CA GLY E 17 -46.99 -10.17 30.86
C GLY E 17 -46.45 -9.30 31.96
N GLY E 18 -45.60 -9.82 32.84
CA GLY E 18 -45.05 -9.07 33.95
C GLY E 18 -43.80 -8.32 33.57
N SER E 19 -42.94 -8.11 34.57
CA SER E 19 -41.69 -7.39 34.37
C SER E 19 -40.61 -8.02 35.24
N LEU E 20 -39.36 -7.80 34.83
CA LEU E 20 -38.23 -8.38 35.53
C LEU E 20 -36.98 -7.52 35.28
N ARG E 21 -36.03 -7.63 36.19
CA ARG E 21 -34.77 -6.90 36.09
C ARG E 21 -33.61 -7.88 36.22
N LEU E 22 -32.65 -7.77 35.32
CA LEU E 22 -31.45 -8.61 35.34
C LEU E 22 -30.23 -7.72 35.52
N SER E 23 -29.37 -8.10 36.47
CA SER E 23 -28.17 -7.34 36.80
C SER E 23 -26.94 -8.20 36.52
N CYS E 24 -25.94 -7.58 35.91
CA CYS E 24 -24.68 -8.25 35.57
C CYS E 24 -23.54 -7.41 36.13
N ALA E 25 -22.85 -7.96 37.12
CA ALA E 25 -21.72 -7.30 37.75
C ALA E 25 -20.44 -7.87 37.16
N ALA E 26 -19.62 -7.00 36.57
CA ALA E 26 -18.38 -7.39 35.92
C ALA E 26 -17.20 -7.00 36.79
N SER E 27 -16.30 -7.96 37.05
CA SER E 27 -15.12 -7.73 37.85
C SER E 27 -13.91 -8.31 37.15
N GLY E 28 -12.82 -7.55 37.14
CA GLY E 28 -11.57 -8.00 36.56
C GLY E 28 -11.15 -7.31 35.28
N PHE E 29 -11.93 -6.36 34.79
CA PHE E 29 -11.56 -5.65 33.56
C PHE E 29 -12.26 -4.30 33.54
N THR E 30 -11.74 -3.42 32.68
CA THR E 30 -12.26 -2.06 32.56
C THR E 30 -13.57 -2.10 31.80
N PHE E 31 -14.67 -2.14 32.55
CA PHE E 31 -16.00 -2.30 31.96
C PHE E 31 -16.29 -1.21 30.93
N SER E 32 -15.72 -0.02 31.10
CA SER E 32 -15.98 1.08 30.21
C SER E 32 -15.19 1.02 28.91
N ASN E 33 -14.58 -0.12 28.59
CA ASN E 33 -13.82 -0.23 27.34
C ASN E 33 -14.32 -1.34 26.42
N TYR E 34 -15.38 -2.06 26.78
CA TYR E 34 -15.84 -3.19 26.01
C TYR E 34 -17.33 -3.09 25.72
N LYS E 35 -17.75 -3.68 24.61
CA LYS E 35 -19.16 -3.86 24.35
C LYS E 35 -19.75 -4.87 25.32
N MET E 36 -21.08 -4.91 25.40
CA MET E 36 -21.76 -5.86 26.26
C MET E 36 -22.96 -6.42 25.52
N ASN E 37 -23.24 -7.71 25.76
CA ASN E 37 -24.31 -8.39 25.07
C ASN E 37 -25.06 -9.26 26.06
N TRP E 38 -26.31 -9.57 25.71
CA TRP E 38 -27.09 -10.60 26.38
C TRP E 38 -27.36 -11.73 25.39
N VAL E 39 -27.22 -12.97 25.84
CA VAL E 39 -27.46 -14.13 25.00
C VAL E 39 -28.39 -15.06 25.74
N ARG E 40 -29.50 -15.43 25.10
CA ARG E 40 -30.50 -16.28 25.73
C ARG E 40 -30.49 -17.66 25.09
N GLN E 41 -30.73 -18.68 25.91
CA GLN E 41 -30.78 -20.06 25.47
C GLN E 41 -32.07 -20.68 25.97
N ALA E 42 -33.01 -20.90 25.05
CA ALA E 42 -34.23 -21.61 25.39
C ALA E 42 -33.92 -23.08 25.60
N PRO E 43 -34.73 -23.78 26.40
CA PRO E 43 -34.51 -25.22 26.59
C PRO E 43 -34.59 -25.96 25.26
N GLY E 44 -33.65 -26.88 25.06
CA GLY E 44 -33.60 -27.63 23.82
C GLY E 44 -33.38 -26.78 22.59
N LYS E 45 -32.57 -25.72 22.72
CA LYS E 45 -32.30 -24.83 21.60
C LYS E 45 -30.94 -24.18 21.80
N GLY E 46 -30.38 -23.68 20.69
CA GLY E 46 -29.08 -23.07 20.73
C GLY E 46 -29.11 -21.65 21.28
N LEU E 47 -27.92 -21.12 21.55
CA LEU E 47 -27.79 -19.78 22.08
C LEU E 47 -28.09 -18.75 20.99
N GLU E 48 -28.83 -17.70 21.37
CA GLU E 48 -29.20 -16.64 20.44
C GLU E 48 -28.90 -15.30 21.07
N TRP E 49 -28.27 -14.41 20.30
CA TRP E 49 -28.00 -13.06 20.76
C TRP E 49 -29.31 -12.29 20.87
N VAL E 50 -29.41 -11.46 21.92
CA VAL E 50 -30.63 -10.71 22.21
C VAL E 50 -30.43 -9.21 22.01
N SER E 51 -29.49 -8.63 22.74
CA SER E 51 -29.26 -7.19 22.68
C SER E 51 -27.78 -6.90 22.83
N ASP E 52 -27.38 -5.72 22.36
CA ASP E 52 -26.00 -5.29 22.46
C ASP E 52 -25.96 -3.77 22.68
N ILE E 53 -25.01 -3.35 23.50
CA ILE E 53 -24.83 -1.95 23.88
C ILE E 53 -23.34 -1.61 23.76
N SER E 54 -23.06 -0.37 23.35
CA SER E 54 -21.69 0.07 23.14
C SER E 54 -21.03 0.39 24.48
N GLN E 55 -19.88 1.04 24.43
CA GLN E 55 -19.12 1.33 25.65
C GLN E 55 -19.89 2.28 26.56
N SER E 56 -20.16 3.49 26.08
CA SER E 56 -21.02 4.42 26.81
C SER E 56 -22.47 4.32 26.39
N GLY E 57 -22.72 3.75 25.21
CA GLY E 57 -24.05 3.56 24.69
C GLY E 57 -24.38 4.55 23.60
N ALA E 58 -24.13 4.16 22.35
CA ALA E 58 -24.50 4.96 21.19
C ALA E 58 -25.15 4.15 20.08
N SER E 59 -24.91 2.85 20.01
CA SER E 59 -25.55 1.95 19.05
C SER E 59 -26.09 0.77 19.86
N ILE E 60 -27.28 0.93 20.39
CA ILE E 60 -27.96 -0.09 21.16
C ILE E 60 -28.92 -0.82 20.24
N SER E 61 -28.77 -2.14 20.14
CA SER E 61 -29.60 -2.92 19.23
C SER E 61 -30.20 -4.11 19.97
N TYR E 62 -31.35 -4.56 19.48
CA TYR E 62 -32.06 -5.69 20.03
C TYR E 62 -32.47 -6.63 18.90
N THR E 63 -32.62 -7.91 19.23
CA THR E 63 -33.15 -8.85 18.26
C THR E 63 -34.62 -8.54 17.97
N GLY E 64 -35.04 -8.88 16.76
CA GLY E 64 -36.38 -8.50 16.33
C GLY E 64 -37.48 -9.08 17.19
N SER E 65 -37.25 -10.26 17.78
CA SER E 65 -38.29 -10.91 18.55
C SER E 65 -38.68 -10.09 19.77
N VAL E 66 -37.71 -9.48 20.44
CA VAL E 66 -37.95 -8.77 21.69
C VAL E 66 -37.79 -7.26 21.54
N LYS E 67 -37.68 -6.76 20.31
CA LYS E 67 -37.52 -5.33 20.11
C LYS E 67 -38.77 -4.59 20.58
N GLY E 68 -38.55 -3.48 21.30
CA GLY E 68 -39.64 -2.69 21.82
C GLY E 68 -40.20 -3.15 23.14
N ARG E 69 -39.74 -4.29 23.66
CA ARG E 69 -40.18 -4.80 24.95
C ARG E 69 -39.08 -4.91 25.99
N PHE E 70 -37.83 -5.10 25.56
CA PHE E 70 -36.70 -5.19 26.46
C PHE E 70 -35.81 -3.97 26.28
N THR E 71 -35.22 -3.52 27.39
CA THR E 71 -34.29 -2.39 27.35
C THR E 71 -33.01 -2.80 28.06
N ILE E 72 -31.89 -2.18 27.64
CA ILE E 72 -30.58 -2.46 28.19
C ILE E 72 -29.92 -1.14 28.57
N SER E 73 -29.15 -1.15 29.65
CA SER E 73 -28.42 0.02 30.10
C SER E 73 -27.15 -0.44 30.80
N ARG E 74 -26.20 0.48 30.95
CA ARG E 74 -24.96 0.18 31.64
C ARG E 74 -24.51 1.38 32.44
N ASP E 75 -24.02 1.13 33.65
CA ASP E 75 -23.43 2.17 34.49
C ASP E 75 -21.96 1.81 34.64
N ASN E 76 -21.09 2.63 34.04
CA ASN E 76 -19.66 2.35 34.08
C ASN E 76 -19.07 2.64 35.45
N ALA E 77 -19.50 3.72 36.09
CA ALA E 77 -19.00 4.05 37.42
C ALA E 77 -19.36 2.97 38.42
N LYS E 78 -20.60 2.49 38.38
CA LYS E 78 -20.99 1.35 39.21
C LYS E 78 -20.53 0.03 38.62
N ASN E 79 -20.12 0.02 37.35
CA ASN E 79 -19.58 -1.17 36.68
C ASN E 79 -20.62 -2.29 36.67
N THR E 80 -21.76 -2.01 36.07
CA THR E 80 -22.87 -2.96 36.07
C THR E 80 -23.66 -2.80 34.78
N LEU E 81 -24.28 -3.90 34.34
CA LEU E 81 -25.14 -3.92 33.17
C LEU E 81 -26.54 -4.35 33.58
N TYR E 82 -27.55 -3.56 33.23
CA TYR E 82 -28.93 -3.80 33.62
C TYR E 82 -29.78 -4.10 32.39
N LEU E 83 -30.69 -5.05 32.53
CA LEU E 83 -31.66 -5.38 31.49
C LEU E 83 -33.05 -5.37 32.09
N GLN E 84 -33.94 -4.54 31.52
CA GLN E 84 -35.34 -4.49 31.91
C GLN E 84 -36.15 -5.31 30.92
N MET E 85 -36.87 -6.30 31.43
CA MET E 85 -37.69 -7.20 30.63
C MET E 85 -39.15 -6.89 30.92
N ASN E 86 -39.91 -6.55 29.89
CA ASN E 86 -41.30 -6.14 30.04
C ASN E 86 -42.17 -6.87 29.03
N SER E 87 -43.44 -7.03 29.38
CA SER E 87 -44.41 -7.75 28.55
C SER E 87 -43.92 -9.17 28.25
N LEU E 88 -43.59 -9.91 29.30
CA LEU E 88 -43.00 -11.23 29.16
C LEU E 88 -43.97 -12.20 28.50
N LYS E 89 -43.41 -13.14 27.75
CA LYS E 89 -44.16 -14.16 27.05
C LYS E 89 -43.57 -15.53 27.37
N PRO E 90 -44.37 -16.60 27.30
CA PRO E 90 -43.87 -17.92 27.70
C PRO E 90 -42.64 -18.38 26.95
N GLU E 91 -42.59 -18.18 25.63
CA GLU E 91 -41.40 -18.58 24.88
C GLU E 91 -40.18 -17.72 25.19
N ASP E 92 -40.36 -16.60 25.89
CA ASP E 92 -39.23 -15.85 26.40
C ASP E 92 -38.53 -16.57 27.53
N THR E 93 -39.12 -17.64 28.07
CA THR E 93 -38.47 -18.40 29.13
C THR E 93 -37.21 -19.06 28.59
N ALA E 94 -36.07 -18.75 29.20
CA ALA E 94 -34.78 -19.23 28.76
C ALA E 94 -33.77 -18.94 29.85
N VAL E 95 -32.52 -19.29 29.60
CA VAL E 95 -31.41 -18.95 30.49
C VAL E 95 -30.60 -17.84 29.83
N TYR E 96 -30.29 -16.79 30.59
CA TYR E 96 -29.68 -15.59 30.04
C TYR E 96 -28.24 -15.46 30.52
N TYR E 97 -27.35 -15.10 29.60
CA TYR E 97 -25.93 -14.95 29.88
C TYR E 97 -25.49 -13.54 29.49
N CYS E 98 -24.65 -12.95 30.34
CA CYS E 98 -24.12 -11.60 30.15
C CYS E 98 -22.72 -11.72 29.55
N ALA E 99 -22.61 -11.48 28.24
CA ALA E 99 -21.39 -11.72 27.50
C ALA E 99 -20.63 -10.42 27.29
N ARG E 100 -19.31 -10.48 27.42
CA ARG E 100 -18.41 -9.35 27.17
C ARG E 100 -17.49 -9.77 26.03
N CYS E 101 -17.88 -9.45 24.80
CA CYS E 101 -17.10 -9.90 23.67
C CYS E 101 -15.74 -9.18 23.63
N PRO E 102 -14.66 -9.92 23.36
CA PRO E 102 -13.30 -9.51 23.74
C PRO E 102 -12.56 -8.70 22.68
N ALA E 103 -12.95 -7.44 22.55
CA ALA E 103 -12.28 -6.56 21.60
C ALA E 103 -12.42 -5.12 22.05
N PRO E 104 -11.57 -4.66 22.96
CA PRO E 104 -11.72 -3.29 23.49
C PRO E 104 -11.54 -2.24 22.41
N PHE E 105 -12.31 -1.16 22.53
CA PHE E 105 -12.21 0.01 21.67
C PHE E 105 -12.55 -0.32 20.21
N THR E 106 -13.19 -1.47 19.99
CA THR E 106 -13.60 -1.87 18.65
C THR E 106 -15.03 -2.43 18.73
N ARG E 107 -15.73 -2.38 17.60
CA ARG E 107 -17.12 -2.80 17.55
C ARG E 107 -17.31 -4.18 16.92
N ASP E 108 -16.25 -4.98 16.81
CA ASP E 108 -16.32 -6.31 16.23
C ASP E 108 -16.13 -7.37 17.32
N CYS E 109 -16.97 -8.39 17.30
CA CYS E 109 -16.84 -9.48 18.27
C CYS E 109 -17.79 -10.61 17.92
N PHE E 110 -17.40 -11.82 18.31
CA PHE E 110 -18.10 -13.06 18.01
C PHE E 110 -18.38 -13.79 19.32
N ASP E 111 -19.55 -13.53 19.92
CA ASP E 111 -19.86 -14.00 21.27
C ASP E 111 -21.21 -14.70 21.33
N VAL E 112 -21.46 -15.60 20.38
CA VAL E 112 -22.68 -16.38 20.35
C VAL E 112 -22.40 -17.88 20.42
N THR E 113 -21.14 -18.28 20.34
CA THR E 113 -20.79 -19.70 20.25
C THR E 113 -21.24 -20.46 21.50
N SER E 114 -21.66 -21.70 21.29
CA SER E 114 -22.12 -22.56 22.38
C SER E 114 -20.99 -23.26 23.12
N THR E 115 -19.76 -23.08 22.68
CA THR E 115 -18.62 -23.74 23.32
C THR E 115 -18.29 -23.04 24.64
N THR E 116 -17.19 -23.43 25.26
CA THR E 116 -16.79 -22.86 26.53
C THR E 116 -16.25 -21.44 26.36
N TYR E 117 -17.13 -20.52 25.96
CA TYR E 117 -16.75 -19.12 25.82
C TYR E 117 -16.22 -18.60 27.14
N ALA E 118 -15.05 -17.97 27.09
CA ALA E 118 -14.34 -17.60 28.31
C ALA E 118 -14.93 -16.36 28.98
N TYR E 119 -15.51 -15.45 28.20
CA TYR E 119 -15.96 -14.16 28.70
C TYR E 119 -17.48 -14.08 28.75
N ARG E 120 -18.13 -15.18 29.17
CA ARG E 120 -19.57 -15.23 29.33
C ARG E 120 -19.89 -15.76 30.72
N GLY E 121 -20.80 -15.09 31.41
CA GLY E 121 -21.13 -15.49 32.76
C GLY E 121 -21.91 -16.79 32.81
N GLN E 122 -22.09 -17.29 34.04
CA GLN E 122 -22.81 -18.53 34.24
C GLN E 122 -24.28 -18.42 33.84
N GLY E 123 -24.85 -17.22 33.87
CA GLY E 123 -26.21 -17.00 33.46
C GLY E 123 -27.21 -17.25 34.57
N THR E 124 -28.44 -16.79 34.35
CA THR E 124 -29.52 -16.94 35.30
C THR E 124 -30.77 -17.41 34.57
N GLN E 125 -31.65 -18.09 35.30
CA GLN E 125 -32.83 -18.72 34.73
C GLN E 125 -34.06 -17.83 34.93
N VAL E 126 -34.81 -17.62 33.85
CA VAL E 126 -36.07 -16.90 33.90
C VAL E 126 -37.16 -17.81 33.34
N THR E 127 -38.29 -17.88 34.03
CA THR E 127 -39.37 -18.77 33.65
C THR E 127 -40.69 -18.01 33.68
N VAL E 128 -41.64 -18.48 32.86
CA VAL E 128 -42.97 -17.89 32.77
C VAL E 128 -43.98 -18.96 33.15
N SER E 129 -44.82 -18.65 34.13
CA SER E 129 -45.83 -19.58 34.61
C SER E 129 -47.12 -19.41 33.78
N SER E 130 -48.20 -20.03 34.23
CA SER E 130 -49.47 -19.93 33.55
C SER E 130 -50.27 -18.72 34.03
N GLN F 1 17.38 29.76 -44.10
CA GLN F 1 16.65 30.75 -43.31
C GLN F 1 16.78 32.14 -43.94
N VAL F 2 17.18 33.12 -43.11
CA VAL F 2 17.31 34.48 -43.61
C VAL F 2 18.75 34.96 -43.48
N MET F 3 19.41 34.64 -42.36
CA MET F 3 20.80 35.02 -42.18
C MET F 3 21.70 34.38 -43.23
N ASP F 4 21.53 33.08 -43.48
CA ASP F 4 22.37 32.40 -44.45
C ASP F 4 22.15 32.94 -45.86
N PHE F 5 20.89 33.15 -46.23
CA PHE F 5 20.60 33.70 -47.56
C PHE F 5 21.17 35.11 -47.70
N LEU F 6 21.02 35.94 -46.66
CA LEU F 6 21.56 37.29 -46.72
C LEU F 6 23.07 37.28 -46.88
N PHE F 7 23.76 36.44 -46.10
CA PHE F 7 25.21 36.36 -46.20
C PHE F 7 25.65 35.87 -47.57
N GLU F 8 24.99 34.83 -48.08
CA GLU F 8 25.36 34.30 -49.40
C GLU F 8 25.11 35.33 -50.49
N LYS F 9 23.99 36.05 -50.42
CA LYS F 9 23.70 37.06 -51.43
C LYS F 9 24.68 38.22 -51.35
N TRP F 10 25.10 38.57 -50.14
CA TRP F 10 26.04 39.65 -49.94
C TRP F 10 27.37 39.25 -50.55
N LYS F 11 27.80 38.01 -50.32
CA LYS F 11 29.01 37.51 -50.94
C LYS F 11 28.90 37.50 -52.47
N LEU F 12 27.79 37.02 -53.00
CA LEU F 12 27.60 36.89 -54.45
C LEU F 12 27.35 38.22 -55.13
N TYR F 13 27.07 39.28 -54.39
CA TYR F 13 26.87 40.60 -54.95
C TYR F 13 28.03 41.55 -54.71
N GLY F 14 28.77 41.38 -53.61
CA GLY F 14 29.94 42.20 -53.37
C GLY F 14 31.04 41.96 -54.39
N ASP F 15 31.25 40.70 -54.76
CA ASP F 15 32.26 40.39 -55.77
C ASP F 15 31.89 40.99 -57.13
N GLN F 16 30.61 40.95 -57.50
CA GLN F 16 30.17 41.58 -58.73
C GLN F 16 30.40 43.08 -58.69
N CYS F 17 30.12 43.72 -57.55
CA CYS F 17 30.36 45.15 -57.42
C CYS F 17 31.85 45.47 -57.54
N HIS F 18 32.71 44.65 -56.92
CA HIS F 18 34.14 44.87 -57.03
C HIS F 18 34.62 44.69 -58.47
N HIS F 19 34.08 43.70 -59.17
CA HIS F 19 34.46 43.47 -60.56
C HIS F 19 33.96 44.62 -61.42
N ASN F 20 32.83 45.21 -61.05
CA ASN F 20 32.28 46.31 -61.82
C ASN F 20 33.12 47.56 -61.59
N LEU F 21 33.67 47.69 -60.38
CA LEU F 21 34.52 48.84 -60.09
C LEU F 21 35.86 48.68 -60.77
N SER F 22 36.29 47.45 -60.97
CA SER F 22 37.54 47.20 -61.67
C SER F 22 37.33 47.46 -63.15
N LEU F 23 36.14 47.18 -63.65
CA LEU F 23 35.83 47.43 -65.05
C LEU F 23 35.71 48.93 -65.28
N LEU F 24 35.15 49.63 -64.30
CA LEU F 24 35.01 51.08 -64.40
C LEU F 24 36.38 51.73 -64.33
N PRO F 25 36.55 52.84 -65.07
CA PRO F 25 37.82 53.57 -64.97
C PRO F 25 38.00 54.23 -63.61
N PRO F 26 39.23 54.63 -63.26
CA PRO F 26 39.48 55.20 -61.93
C PRO F 26 38.51 56.30 -61.53
N PRO F 27 37.91 56.19 -60.34
CA PRO F 27 36.97 57.21 -59.87
C PRO F 27 37.65 58.36 -59.14
N THR F 28 38.91 58.64 -59.48
CA THR F 28 39.65 59.70 -58.83
C THR F 28 39.91 60.85 -59.78
N GLU F 29 39.55 60.66 -61.05
CA GLU F 29 39.73 61.71 -62.04
C GLU F 29 38.65 62.75 -61.83
N LEU F 30 38.84 63.66 -60.87
CA LEU F 30 37.82 64.65 -60.53
C LEU F 30 36.42 64.04 -60.51
N VAL F 31 36.32 62.84 -59.94
CA VAL F 31 35.05 62.12 -59.84
C VAL F 31 34.87 61.64 -58.41
N CYS F 32 33.62 61.31 -58.07
CA CYS F 32 33.33 60.83 -56.73
C CYS F 32 33.83 59.41 -56.56
N ASN F 33 34.83 59.22 -55.72
CA ASN F 33 35.40 57.91 -55.49
C ASN F 33 34.42 57.04 -54.72
N ARG F 34 34.30 55.78 -55.14
CA ARG F 34 33.40 54.83 -54.52
C ARG F 34 34.06 54.22 -53.29
N THR F 35 33.33 54.20 -52.18
CA THR F 35 33.82 53.67 -50.91
C THR F 35 33.40 52.22 -50.75
N PHE F 36 34.36 51.36 -50.42
CA PHE F 36 34.11 49.93 -50.25
C PHE F 36 33.60 49.68 -48.82
N ASP F 37 32.37 50.14 -48.57
CA ASP F 37 31.77 49.96 -47.25
C ASP F 37 31.00 48.66 -47.26
N LYS F 38 31.25 47.82 -48.27
CA LYS F 38 30.54 46.54 -48.39
C LYS F 38 29.03 46.67 -48.27
N TYR F 39 28.48 47.78 -48.78
CA TYR F 39 27.04 48.00 -48.71
C TYR F 39 26.56 48.72 -49.95
N SER F 40 26.97 49.98 -50.10
CA SER F 40 26.56 50.77 -51.25
C SER F 40 27.42 50.41 -52.45
N CYS F 41 26.78 50.18 -53.60
CA CYS F 41 27.45 49.83 -54.84
C CYS F 41 27.38 50.97 -55.84
N TRP F 42 27.48 52.20 -55.36
CA TRP F 42 27.41 53.37 -56.24
C TRP F 42 28.67 53.45 -57.10
N PRO F 43 28.54 53.54 -58.41
CA PRO F 43 29.71 53.64 -59.29
C PRO F 43 30.30 55.05 -59.24
N ASP F 44 31.31 55.27 -60.07
CA ASP F 44 31.96 56.58 -60.15
C ASP F 44 30.97 57.63 -60.64
N THR F 45 30.90 58.76 -59.95
CA THR F 45 29.93 59.81 -60.32
C THR F 45 30.66 61.11 -60.55
N PRO F 46 29.97 62.09 -61.14
CA PRO F 46 30.74 63.34 -61.30
C PRO F 46 30.96 64.04 -59.97
N ALA F 47 32.09 64.71 -59.81
CA ALA F 47 32.39 65.42 -58.56
C ALA F 47 31.25 66.31 -58.10
N ASN F 48 30.88 66.19 -56.83
CA ASN F 48 29.79 67.00 -56.27
C ASN F 48 28.49 66.97 -57.07
N THR F 49 28.05 65.80 -57.51
CA THR F 49 26.79 65.69 -58.22
C THR F 49 26.02 64.56 -57.57
N THR F 50 24.71 64.69 -57.42
CA THR F 50 23.97 63.66 -56.69
C THR F 50 23.52 62.61 -57.69
N ALA F 51 24.33 61.56 -57.84
CA ALA F 51 24.03 60.51 -58.79
C ALA F 51 22.80 59.72 -58.37
N ASN F 52 22.02 59.28 -59.36
CA ASN F 52 20.82 58.51 -59.11
C ASN F 52 21.22 57.07 -58.80
N ILE F 53 21.45 56.78 -57.53
CA ILE F 53 21.88 55.45 -57.08
C ILE F 53 20.64 54.64 -56.77
N SER F 54 20.56 53.43 -57.35
CA SER F 54 19.43 52.54 -57.13
C SER F 54 19.79 51.50 -56.09
N CYS F 55 18.92 51.35 -55.09
CA CYS F 55 19.19 50.39 -54.02
C CYS F 55 19.13 48.97 -54.58
N PRO F 56 20.12 48.13 -54.28
CA PRO F 56 20.14 46.78 -54.84
C PRO F 56 19.06 45.90 -54.22
N TRP F 57 18.75 44.82 -54.94
CA TRP F 57 17.77 43.84 -54.49
C TRP F 57 18.40 42.75 -53.63
N TYR F 58 19.69 42.84 -53.33
CA TYR F 58 20.36 41.84 -52.50
C TYR F 58 19.80 41.80 -51.08
N LEU F 59 19.17 42.87 -50.64
CA LEU F 59 18.56 42.89 -49.31
C LEU F 59 17.29 42.07 -49.31
N PRO F 60 17.16 41.04 -48.45
CA PRO F 60 15.92 40.26 -48.41
C PRO F 60 14.70 41.06 -47.99
N TRP F 61 14.89 42.21 -47.34
CA TRP F 61 13.79 43.06 -46.90
C TRP F 61 13.12 43.82 -48.05
N HIS F 62 13.48 43.52 -49.31
CA HIS F 62 12.89 44.20 -50.47
C HIS F 62 12.29 43.19 -51.44
N HIS F 63 11.78 42.07 -50.93
CA HIS F 63 11.20 41.06 -51.80
C HIS F 63 9.94 41.57 -52.50
N LYS F 64 9.08 42.27 -51.76
CA LYS F 64 7.85 42.78 -52.36
C LYS F 64 8.15 43.89 -53.37
N VAL F 65 9.04 44.81 -53.02
CA VAL F 65 9.44 45.91 -53.89
C VAL F 65 10.96 45.95 -53.89
N GLN F 66 11.57 45.52 -55.00
CA GLN F 66 13.01 45.45 -55.13
C GLN F 66 13.58 46.59 -55.97
N HIS F 67 12.90 47.73 -56.00
CA HIS F 67 13.34 48.89 -56.77
C HIS F 67 13.25 50.14 -55.90
N ARG F 68 14.37 50.84 -55.77
CA ARG F 68 14.39 52.10 -55.02
C ARG F 68 15.61 52.90 -55.48
N PHE F 69 15.36 54.00 -56.19
CA PHE F 69 16.42 54.86 -56.69
C PHE F 69 16.31 56.23 -56.04
N VAL F 70 17.40 56.70 -55.46
CA VAL F 70 17.45 57.99 -54.78
C VAL F 70 18.71 58.72 -55.19
N PHE F 71 18.70 60.04 -55.03
CA PHE F 71 19.85 60.86 -55.38
C PHE F 71 20.85 60.85 -54.22
N LYS F 72 22.08 60.44 -54.50
CA LYS F 72 23.15 60.40 -53.52
C LYS F 72 24.12 61.54 -53.80
N ARG F 73 24.41 62.34 -52.78
CA ARG F 73 25.32 63.47 -52.93
C ARG F 73 26.70 63.12 -52.44
N CYS F 74 27.72 63.45 -53.23
CA CYS F 74 29.08 63.16 -52.86
C CYS F 74 29.89 64.43 -52.88
N GLY F 75 31.05 64.41 -52.28
CA GLY F 75 31.95 65.54 -52.26
C GLY F 75 32.81 65.61 -53.51
N PRO F 76 33.61 66.70 -53.69
CA PRO F 76 34.40 66.65 -54.94
C PRO F 76 35.31 65.44 -55.02
N ASP F 77 35.83 64.99 -53.88
CA ASP F 77 36.68 63.81 -53.87
C ASP F 77 35.81 62.57 -53.84
N GLY F 78 34.67 62.66 -53.18
CA GLY F 78 33.77 61.51 -53.07
C GLY F 78 33.23 61.44 -51.68
N GLN F 79 33.63 62.39 -50.85
CA GLN F 79 33.20 62.41 -49.45
C GLN F 79 31.72 62.69 -49.35
N TRP F 80 30.93 61.64 -49.29
CA TRP F 80 29.50 61.79 -49.18
C TRP F 80 29.18 62.07 -47.72
N VAL F 81 27.97 61.72 -47.27
CA VAL F 81 27.67 61.87 -45.85
C VAL F 81 28.30 60.70 -45.13
N ARG F 82 29.58 60.83 -44.81
CA ARG F 82 30.30 59.73 -44.18
C ARG F 82 30.90 60.18 -42.86
N GLY F 83 32.14 60.66 -42.90
CA GLY F 83 32.83 61.05 -41.68
C GLY F 83 33.52 59.80 -41.18
N PRO F 84 33.02 59.20 -40.10
CA PRO F 84 33.60 57.93 -39.65
C PRO F 84 32.99 56.75 -40.40
N ARG F 85 31.83 56.29 -39.97
CA ARG F 85 31.18 55.15 -40.60
C ARG F 85 30.37 55.69 -41.76
N GLY F 86 29.41 56.57 -41.45
CA GLY F 86 28.54 57.11 -42.48
C GLY F 86 27.43 57.87 -41.79
N GLN F 87 27.48 59.20 -41.85
CA GLN F 87 26.46 60.02 -41.22
C GLN F 87 25.08 59.62 -41.67
N PRO F 88 24.87 59.55 -42.98
CA PRO F 88 23.57 59.08 -43.50
C PRO F 88 23.80 58.18 -44.70
N TRP F 89 24.98 57.55 -44.80
CA TRP F 89 25.33 56.72 -45.96
C TRP F 89 25.02 57.48 -47.24
N ARG F 90 25.80 58.51 -47.54
CA ARG F 90 25.54 59.37 -48.70
C ARG F 90 24.15 59.93 -48.52
N ASP F 91 23.32 59.83 -49.54
CA ASP F 91 21.92 60.24 -49.36
C ASP F 91 20.94 59.19 -49.85
N ALA F 92 21.18 57.92 -49.50
CA ALA F 92 20.28 56.84 -49.89
C ALA F 92 20.15 55.83 -48.76
N SER F 93 18.96 55.74 -48.15
CA SER F 93 18.75 54.84 -47.01
C SER F 93 17.31 54.42 -46.86
N GLN F 94 16.39 55.07 -47.56
CA GLN F 94 14.97 54.78 -47.42
C GLN F 94 14.57 53.44 -48.03
N CYS F 95 15.53 52.67 -48.56
CA CYS F 95 15.19 51.40 -49.18
C CYS F 95 15.22 50.24 -48.20
N GLN F 96 15.40 50.50 -46.91
CA GLN F 96 15.37 49.44 -45.90
C GLN F 96 13.92 49.08 -45.61
N MET F 97 13.71 48.32 -44.53
CA MET F 97 12.37 47.92 -44.15
C MET F 97 11.53 49.16 -43.83
N ASP F 98 10.32 49.20 -44.41
CA ASP F 98 9.46 50.35 -44.24
C ASP F 98 8.78 50.33 -42.87
N GLY F 99 8.21 51.47 -42.50
CA GLY F 99 7.50 51.58 -41.24
C GLY F 99 6.16 50.87 -41.23
N GLU F 100 5.66 50.48 -42.39
CA GLU F 100 4.41 49.72 -42.45
C GLU F 100 4.55 48.37 -41.75
N GLU F 101 5.69 47.71 -41.93
CA GLU F 101 5.98 46.44 -41.28
C GLU F 101 6.65 46.61 -39.92
N ILE F 102 6.84 47.86 -39.47
CA ILE F 102 7.50 48.11 -38.19
C ILE F 102 6.70 47.63 -37.00
N GLU F 103 5.43 47.27 -37.20
CA GLU F 103 4.61 46.76 -36.10
C GLU F 103 5.19 45.47 -35.54
N VAL F 104 5.83 44.66 -36.38
CA VAL F 104 6.45 43.43 -35.90
C VAL F 104 7.82 43.65 -35.26
N GLN F 105 8.29 44.90 -35.21
CA GLN F 105 9.58 45.24 -34.64
C GLN F 105 9.37 45.99 -33.33
N LYS F 106 10.03 45.54 -32.27
CA LYS F 106 10.00 46.14 -30.94
C LYS F 106 8.61 46.14 -30.31
N GLU F 107 7.67 45.40 -30.87
CA GLU F 107 6.32 45.30 -30.31
C GLU F 107 5.92 43.86 -30.01
N VAL F 108 6.23 42.91 -30.90
CA VAL F 108 5.99 41.51 -30.60
C VAL F 108 7.07 40.94 -29.68
N ALA F 109 8.19 41.66 -29.55
CA ALA F 109 9.25 41.21 -28.65
C ALA F 109 8.77 41.15 -27.21
N LYS F 110 7.93 42.11 -26.81
CA LYS F 110 7.44 42.13 -25.44
C LYS F 110 6.60 40.90 -25.12
N MET F 111 5.67 40.55 -26.02
CA MET F 111 4.83 39.38 -25.77
C MET F 111 5.63 38.08 -25.91
N TYR F 112 6.59 38.04 -26.82
CA TYR F 112 7.47 36.88 -26.90
C TYR F 112 8.25 36.70 -25.61
N SER F 113 8.78 37.79 -25.05
CA SER F 113 9.51 37.70 -23.80
C SER F 113 8.60 37.31 -22.64
N SER F 114 7.36 37.80 -22.65
CA SER F 114 6.41 37.42 -21.61
C SER F 114 6.14 35.92 -21.65
N PHE F 115 5.85 35.39 -22.85
CA PHE F 115 5.63 33.95 -22.99
C PHE F 115 6.89 33.17 -22.60
N GLN F 116 8.05 33.70 -22.96
CA GLN F 116 9.30 33.02 -22.63
C GLN F 116 9.44 32.91 -21.13
N VAL F 117 9.42 34.04 -20.44
CA VAL F 117 9.62 34.04 -19.00
C VAL F 117 8.50 33.31 -18.28
N MET F 118 7.34 33.15 -18.92
CA MET F 118 6.30 32.33 -18.31
C MET F 118 6.63 30.84 -18.41
N TYR F 119 6.93 30.37 -19.62
CA TYR F 119 7.09 28.92 -19.78
C TYR F 119 8.42 28.44 -19.21
N THR F 120 9.46 29.28 -19.20
CA THR F 120 10.70 28.86 -18.54
C THR F 120 10.50 28.69 -17.04
N VAL F 121 9.81 29.64 -16.39
CA VAL F 121 9.60 29.47 -14.95
C VAL F 121 8.65 28.31 -14.68
N GLY F 122 7.68 28.07 -15.57
CA GLY F 122 6.83 26.91 -15.43
C GLY F 122 7.61 25.61 -15.52
N TYR F 123 8.53 25.53 -16.49
CA TYR F 123 9.37 24.34 -16.62
C TYR F 123 10.28 24.18 -15.42
N SER F 124 10.81 25.29 -14.89
CA SER F 124 11.67 25.22 -13.71
C SER F 124 10.90 24.68 -12.51
N LEU F 125 9.68 25.19 -12.29
CA LEU F 125 8.86 24.67 -11.20
C LEU F 125 8.53 23.20 -11.41
N SER F 126 8.22 22.82 -12.66
CA SER F 126 7.90 21.43 -12.96
C SER F 126 9.07 20.52 -12.64
N LEU F 127 10.28 20.90 -13.08
CA LEU F 127 11.43 20.05 -12.83
C LEU F 127 11.80 20.02 -11.35
N GLY F 128 11.63 21.13 -10.63
CA GLY F 128 11.86 21.09 -9.20
C GLY F 128 10.91 20.15 -8.48
N ALA F 129 9.62 20.22 -8.81
CA ALA F 129 8.66 19.32 -8.20
C ALA F 129 8.94 17.86 -8.56
N LEU F 130 9.32 17.60 -9.82
CA LEU F 130 9.62 16.24 -10.23
C LEU F 130 10.88 15.71 -9.54
N LEU F 131 11.89 16.56 -9.36
CA LEU F 131 13.07 16.14 -8.61
C LEU F 131 12.74 15.82 -7.17
N LEU F 132 11.89 16.63 -6.55
CA LEU F 132 11.43 16.33 -5.20
C LEU F 132 10.66 15.01 -5.18
N ALA F 133 9.85 14.76 -6.20
CA ALA F 133 9.09 13.52 -6.29
C ALA F 133 10.02 12.31 -6.39
N LEU F 134 11.05 12.41 -7.23
CA LEU F 134 12.03 11.33 -7.33
C LEU F 134 12.76 11.13 -6.02
N ALA F 135 13.11 12.23 -5.33
CA ALA F 135 13.81 12.12 -4.07
C ALA F 135 12.97 11.41 -3.02
N ILE F 136 11.67 11.71 -2.96
CA ILE F 136 10.83 11.12 -1.93
C ILE F 136 10.22 9.78 -2.34
N LEU F 137 10.31 9.41 -3.60
CA LEU F 137 9.70 8.16 -4.08
C LEU F 137 10.73 7.19 -4.64
N GLY F 138 11.58 7.66 -5.56
CA GLY F 138 12.55 6.76 -6.17
C GLY F 138 13.54 6.19 -5.19
N GLY F 139 14.06 7.02 -4.30
CA GLY F 139 15.02 6.56 -3.31
C GLY F 139 14.43 5.89 -2.08
N LEU F 140 13.11 5.83 -1.99
CA LEU F 140 12.44 5.27 -0.83
C LEU F 140 11.98 3.84 -1.14
N SER F 141 11.22 3.26 -0.20
CA SER F 141 10.83 1.85 -0.29
C SER F 141 9.89 1.57 -1.45
N LYS F 142 9.20 2.59 -1.98
CA LYS F 142 8.25 2.39 -3.06
C LYS F 142 8.97 2.53 -4.40
N LEU F 143 9.67 1.47 -4.79
CA LEU F 143 10.41 1.48 -6.04
C LEU F 143 10.28 0.22 -6.88
N HIS F 144 9.77 -0.88 -6.33
CA HIS F 144 9.79 -2.16 -7.06
C HIS F 144 8.50 -2.44 -7.81
N CYS F 145 7.37 -1.89 -7.36
CA CYS F 145 6.11 -2.15 -8.04
C CYS F 145 6.07 -1.46 -9.41
N THR F 146 5.40 -2.11 -10.35
CA THR F 146 5.41 -1.62 -11.73
C THR F 146 4.74 -0.26 -11.84
N ARG F 147 3.64 -0.05 -11.12
CA ARG F 147 2.91 1.22 -11.24
C ARG F 147 3.80 2.40 -10.88
N ASN F 148 4.31 2.44 -9.65
CA ASN F 148 5.12 3.58 -9.24
C ASN F 148 6.48 3.57 -9.93
N ALA F 149 6.96 2.42 -10.39
CA ALA F 149 8.18 2.42 -11.20
C ALA F 149 7.96 3.19 -12.50
N ILE F 150 6.88 2.88 -13.21
CA ILE F 150 6.57 3.60 -14.44
C ILE F 150 6.31 5.07 -14.13
N HIS F 151 5.64 5.35 -13.01
CA HIS F 151 5.37 6.74 -12.64
C HIS F 151 6.67 7.52 -12.44
N ALA F 152 7.60 6.95 -11.68
CA ALA F 152 8.87 7.64 -11.42
C ALA F 152 9.68 7.79 -12.69
N ASN F 153 9.70 6.78 -13.54
CA ASN F 153 10.50 6.88 -14.75
C ASN F 153 9.87 7.85 -15.75
N LEU F 154 8.54 7.95 -15.77
CA LEU F 154 7.88 8.98 -16.57
C LEU F 154 8.14 10.37 -16.01
N PHE F 155 8.23 10.48 -14.68
CA PHE F 155 8.67 11.74 -14.09
C PHE F 155 10.08 12.10 -14.55
N ALA F 156 10.95 11.09 -14.65
CA ALA F 156 12.28 11.31 -15.19
C ALA F 156 12.22 11.78 -16.64
N SER F 157 11.29 11.22 -17.41
CA SER F 157 11.11 11.68 -18.79
C SER F 157 10.70 13.14 -18.85
N PHE F 158 9.77 13.54 -17.97
CA PHE F 158 9.41 14.95 -17.88
C PHE F 158 10.61 15.82 -17.49
N VAL F 159 11.42 15.32 -16.55
CA VAL F 159 12.62 16.06 -16.14
C VAL F 159 13.55 16.25 -17.34
N LEU F 160 13.76 15.19 -18.12
CA LEU F 160 14.62 15.26 -19.29
C LEU F 160 14.09 16.28 -20.28
N LYS F 161 12.79 16.25 -20.56
CA LYS F 161 12.21 17.18 -21.52
C LYS F 161 12.35 18.62 -21.05
N ALA F 162 12.04 18.88 -19.77
CA ALA F 162 12.13 20.24 -19.26
C ALA F 162 13.56 20.75 -19.26
N SER F 163 14.51 19.91 -18.83
CA SER F 163 15.91 20.31 -18.83
C SER F 163 16.40 20.60 -20.24
N SER F 164 16.02 19.76 -21.20
CA SER F 164 16.43 19.99 -22.57
C SER F 164 15.85 21.29 -23.10
N VAL F 165 14.58 21.58 -22.80
CA VAL F 165 13.96 22.81 -23.29
C VAL F 165 14.67 24.03 -22.69
N LEU F 166 14.93 24.00 -21.39
CA LEU F 166 15.61 25.12 -20.76
C LEU F 166 17.03 25.30 -21.31
N VAL F 167 17.75 24.20 -21.50
CA VAL F 167 19.11 24.28 -22.00
C VAL F 167 19.14 24.85 -23.41
N ILE F 168 18.22 24.40 -24.28
CA ILE F 168 18.22 24.90 -25.64
C ILE F 168 17.80 26.37 -25.67
N ASP F 169 16.96 26.80 -24.74
CA ASP F 169 16.59 28.22 -24.68
C ASP F 169 17.85 29.05 -24.50
N GLY F 170 18.70 28.64 -23.56
CA GLY F 170 19.93 29.37 -23.32
C GLY F 170 20.84 29.40 -24.52
N LEU F 171 20.96 28.28 -25.23
CA LEU F 171 21.79 28.23 -26.41
C LEU F 171 21.32 29.18 -27.50
N LEU F 172 20.02 29.15 -27.77
CA LEU F 172 19.47 29.98 -28.85
C LEU F 172 19.66 31.44 -28.53
N ARG F 173 19.51 31.80 -27.27
CA ARG F 173 19.74 33.17 -26.88
C ARG F 173 21.16 33.55 -27.20
N THR F 174 22.14 32.70 -26.91
CA THR F 174 23.56 33.00 -27.06
C THR F 174 23.98 32.66 -28.47
N ARG F 175 23.05 32.75 -29.42
CA ARG F 175 23.43 32.59 -30.82
C ARG F 175 23.16 33.98 -31.34
N TYR F 176 22.27 34.71 -30.67
CA TYR F 176 21.91 36.05 -31.14
C TYR F 176 22.02 37.12 -30.06
N SER F 177 22.34 36.72 -28.84
CA SER F 177 22.54 37.70 -27.77
C SER F 177 24.02 37.98 -27.67
N GLN F 178 24.68 38.08 -28.82
CA GLN F 178 26.12 38.29 -28.83
C GLN F 178 26.54 39.00 -30.10
N LYS F 179 25.57 39.57 -30.82
CA LYS F 179 25.87 40.25 -32.07
C LYS F 179 27.23 40.92 -32.04
N ILE F 180 28.14 40.50 -32.90
CA ILE F 180 29.49 41.06 -32.94
C ILE F 180 29.49 42.47 -33.52
N GLY F 181 28.31 43.05 -33.74
CA GLY F 181 28.23 44.41 -34.23
C GLY F 181 28.83 44.67 -35.59
N ASP F 182 30.14 44.83 -35.65
CA ASP F 182 30.77 45.18 -36.92
C ASP F 182 31.20 43.86 -37.46
N ASP F 183 30.93 42.79 -36.70
CA ASP F 183 31.27 41.42 -37.10
C ASP F 183 31.99 41.20 -38.42
N THR F 188 33.06 37.74 -41.66
CA THR F 188 33.01 36.77 -40.57
C THR F 188 31.62 36.22 -40.32
N TRP F 189 31.48 35.40 -39.28
CA TRP F 189 30.23 34.70 -39.00
C TRP F 189 30.20 34.07 -37.61
N LEU F 190 29.12 33.38 -37.27
CA LEU F 190 28.97 32.77 -35.96
C LEU F 190 29.99 31.65 -35.77
N SER F 191 30.29 31.37 -34.50
CA SER F 191 31.28 30.35 -34.17
C SER F 191 30.80 28.97 -34.57
N ASP F 192 31.72 28.18 -35.15
CA ASP F 192 31.36 26.83 -35.58
C ASP F 192 31.16 25.90 -34.39
N GLY F 193 31.91 26.11 -33.30
CA GLY F 193 31.79 25.23 -32.15
C GLY F 193 30.41 25.25 -31.53
N ALA F 194 29.76 26.42 -31.52
CA ALA F 194 28.42 26.52 -30.94
C ALA F 194 27.37 25.88 -31.83
N VAL F 195 27.63 25.74 -33.13
CA VAL F 195 26.64 25.15 -34.03
C VAL F 195 26.41 23.68 -33.69
N ALA F 196 27.49 22.93 -33.43
CA ALA F 196 27.33 21.53 -33.05
C ALA F 196 26.57 21.39 -31.74
N GLY F 197 26.86 22.26 -30.77
CA GLY F 197 26.11 22.25 -29.53
C GLY F 197 24.65 22.54 -29.74
N CYS F 198 24.33 23.51 -30.61
CA CYS F 198 22.94 23.81 -30.93
C CYS F 198 22.26 22.61 -31.54
N ARG F 199 22.92 21.94 -32.48
CA ARG F 199 22.32 20.79 -33.16
C ARG F 199 22.07 19.64 -32.17
N VAL F 200 23.05 19.35 -31.32
CA VAL F 200 22.88 18.24 -30.38
C VAL F 200 21.83 18.58 -29.34
N ALA F 201 21.76 19.84 -28.89
CA ALA F 201 20.71 20.23 -27.97
C ALA F 201 19.34 20.10 -28.61
N ALA F 202 19.22 20.49 -29.89
CA ALA F 202 17.95 20.41 -30.57
C ALA F 202 17.49 18.95 -30.72
N VAL F 203 18.41 18.07 -31.13
CA VAL F 203 18.02 16.67 -31.29
C VAL F 203 17.70 16.04 -29.95
N PHE F 204 18.44 16.43 -28.89
CA PHE F 204 18.17 15.90 -27.56
C PHE F 204 16.80 16.36 -27.06
N MET F 205 16.44 17.61 -27.35
CA MET F 205 15.14 18.12 -26.91
C MET F 205 14.00 17.49 -27.70
N GLN F 206 14.20 17.25 -29.00
CA GLN F 206 13.20 16.51 -29.77
C GLN F 206 13.03 15.09 -29.22
N TYR F 207 14.15 14.45 -28.87
CA TYR F 207 14.07 13.12 -28.27
C TYR F 207 13.29 13.16 -26.96
N GLY F 208 13.52 14.20 -26.15
CA GLY F 208 12.78 14.33 -24.91
C GLY F 208 11.28 14.49 -25.13
N ILE F 209 10.91 15.32 -26.11
CA ILE F 209 9.49 15.50 -26.41
C ILE F 209 8.85 14.18 -26.83
N VAL F 210 9.49 13.49 -27.78
CA VAL F 210 8.90 12.25 -28.28
C VAL F 210 8.86 11.19 -27.18
N ALA F 211 9.89 11.17 -26.32
CA ALA F 211 9.87 10.22 -25.20
C ALA F 211 8.74 10.51 -24.24
N ASN F 212 8.48 11.80 -23.96
CA ASN F 212 7.40 12.15 -23.05
C ASN F 212 6.06 11.70 -23.59
N TYR F 213 5.77 12.01 -24.86
CA TYR F 213 4.50 11.55 -25.43
C TYR F 213 4.43 10.04 -25.54
N CYS F 214 5.54 9.39 -25.87
CA CYS F 214 5.55 7.94 -25.95
C CYS F 214 5.26 7.32 -24.59
N TRP F 215 5.74 7.94 -23.51
CA TRP F 215 5.45 7.35 -22.21
C TRP F 215 4.06 7.69 -21.73
N LEU F 216 3.49 8.81 -22.19
CA LEU F 216 2.06 8.99 -21.96
C LEU F 216 1.27 7.86 -22.62
N LEU F 217 1.69 7.48 -23.83
CA LEU F 217 1.08 6.31 -24.48
C LEU F 217 1.29 5.04 -23.66
N VAL F 218 2.49 4.86 -23.11
CA VAL F 218 2.78 3.66 -22.32
C VAL F 218 1.90 3.62 -21.08
N GLU F 219 1.73 4.76 -20.41
CA GLU F 219 0.86 4.82 -19.24
C GLU F 219 -0.58 4.47 -19.61
N GLY F 220 -1.06 5.03 -20.72
CA GLY F 220 -2.41 4.70 -21.15
C GLY F 220 -2.59 3.22 -21.43
N LEU F 221 -1.64 2.63 -22.16
CA LEU F 221 -1.72 1.21 -22.46
C LEU F 221 -1.65 0.35 -21.20
N TYR F 222 -0.77 0.71 -20.27
CA TYR F 222 -0.65 -0.06 -19.03
C TYR F 222 -1.95 0.00 -18.23
N LEU F 223 -2.53 1.20 -18.10
CA LEU F 223 -3.78 1.31 -17.37
C LEU F 223 -4.90 0.52 -18.05
N HIS F 224 -4.99 0.61 -19.37
CA HIS F 224 -6.04 -0.11 -20.08
C HIS F 224 -5.88 -1.62 -19.94
N ASN F 225 -4.65 -2.12 -20.06
CA ASN F 225 -4.42 -3.55 -19.91
C ASN F 225 -4.73 -4.00 -18.48
N LEU F 226 -4.32 -3.21 -17.49
CA LEU F 226 -4.56 -3.57 -16.09
C LEU F 226 -6.05 -3.63 -15.80
N LEU F 227 -6.82 -2.68 -16.32
CA LEU F 227 -8.26 -2.70 -16.08
C LEU F 227 -8.96 -3.77 -16.89
N GLY F 228 -8.43 -4.11 -18.07
CA GLY F 228 -9.05 -5.14 -18.88
C GLY F 228 -8.79 -6.54 -18.37
N LEU F 229 -7.66 -6.75 -17.70
CA LEU F 229 -7.34 -8.07 -17.16
C LEU F 229 -8.32 -8.43 -16.04
N ALA F 230 -8.59 -9.74 -15.92
CA ALA F 230 -9.52 -10.25 -14.93
C ALA F 230 -8.87 -10.52 -13.59
N THR F 231 -7.56 -10.29 -13.46
CA THR F 231 -6.84 -10.56 -12.22
C THR F 231 -5.58 -9.68 -12.20
N LEU F 232 -4.69 -9.97 -11.26
CA LEU F 232 -3.41 -9.28 -11.22
C LEU F 232 -2.56 -9.70 -12.41
N PRO F 233 -1.64 -8.84 -12.85
CA PRO F 233 -0.80 -9.18 -14.01
C PRO F 233 0.07 -10.40 -13.74
N GLU F 234 -0.12 -11.43 -14.56
CA GLU F 234 0.71 -12.62 -14.43
C GLU F 234 2.14 -12.36 -14.89
N ARG F 235 2.33 -11.45 -15.85
CA ARG F 235 3.65 -11.06 -16.33
C ARG F 235 3.78 -9.56 -16.26
N SER F 236 4.96 -9.08 -15.83
CA SER F 236 5.15 -7.66 -15.60
C SER F 236 5.04 -6.85 -16.89
N PHE F 237 5.60 -7.36 -17.99
CA PHE F 237 5.75 -6.63 -19.25
C PHE F 237 6.55 -5.34 -19.08
N PHE F 238 7.27 -5.22 -17.96
CA PHE F 238 8.00 -3.98 -17.69
C PHE F 238 9.11 -3.76 -18.72
N SER F 239 9.83 -4.81 -19.09
CA SER F 239 10.87 -4.67 -20.10
C SER F 239 10.28 -4.24 -21.43
N LEU F 240 9.15 -4.84 -21.82
CA LEU F 240 8.52 -4.47 -23.08
C LEU F 240 8.06 -3.02 -23.06
N TYR F 241 7.47 -2.58 -21.95
CA TYR F 241 7.03 -1.19 -21.85
C TYR F 241 8.21 -0.23 -21.88
N LEU F 242 9.28 -0.56 -21.17
CA LEU F 242 10.46 0.30 -21.18
C LEU F 242 11.06 0.39 -22.58
N GLY F 243 11.11 -0.73 -23.29
CA GLY F 243 11.63 -0.72 -24.65
C GLY F 243 10.76 0.10 -25.58
N ILE F 244 9.44 -0.11 -25.54
CA ILE F 244 8.56 0.60 -26.44
C ILE F 244 8.51 2.09 -26.08
N GLY F 245 8.92 2.42 -24.87
CA GLY F 245 8.94 3.83 -24.48
C GLY F 245 10.23 4.54 -24.83
N TRP F 246 11.37 3.86 -24.68
CA TRP F 246 12.65 4.48 -24.99
C TRP F 246 13.03 4.37 -26.46
N GLY F 247 12.99 3.16 -27.01
CA GLY F 247 13.47 2.96 -28.37
C GLY F 247 12.59 3.56 -29.44
N ALA F 248 11.29 3.68 -29.19
CA ALA F 248 10.39 4.23 -30.20
C ALA F 248 10.74 5.67 -30.57
N PRO F 249 11.04 6.58 -29.64
CA PRO F 249 11.56 7.89 -30.07
C PRO F 249 12.83 7.79 -30.90
N MET F 250 13.73 6.88 -30.54
CA MET F 250 14.94 6.69 -31.32
C MET F 250 14.65 6.16 -32.72
N LEU F 251 13.47 5.58 -32.93
CA LEU F 251 13.07 5.18 -34.26
C LEU F 251 12.68 6.37 -35.13
N PHE F 252 12.47 7.54 -34.52
CA PHE F 252 12.07 8.73 -35.25
C PHE F 252 13.05 9.88 -35.12
N VAL F 253 13.58 10.13 -33.93
CA VAL F 253 14.41 11.32 -33.73
C VAL F 253 15.73 11.19 -34.48
N VAL F 254 16.32 10.00 -34.49
CA VAL F 254 17.57 9.78 -35.22
C VAL F 254 17.36 9.92 -36.72
N PRO F 255 16.32 9.31 -37.32
CA PRO F 255 16.05 9.58 -38.74
C PRO F 255 15.79 11.05 -39.02
N TRP F 256 15.06 11.75 -38.15
CA TRP F 256 14.83 13.17 -38.36
C TRP F 256 16.14 13.94 -38.34
N ALA F 257 17.01 13.62 -37.38
CA ALA F 257 18.28 14.32 -37.26
C ALA F 257 19.16 14.08 -38.49
N VAL F 258 19.23 12.83 -38.96
CA VAL F 258 20.09 12.57 -40.11
C VAL F 258 19.52 13.21 -41.37
N VAL F 259 18.19 13.20 -41.54
CA VAL F 259 17.60 13.86 -42.69
C VAL F 259 17.86 15.36 -42.65
N LYS F 260 17.73 15.97 -41.47
CA LYS F 260 18.02 17.40 -41.35
C LYS F 260 19.48 17.69 -41.65
N CYS F 261 20.38 16.84 -41.17
CA CYS F 261 21.81 17.08 -41.38
C CYS F 261 22.20 16.94 -42.85
N LEU F 262 21.64 15.96 -43.55
CA LEU F 262 22.06 15.69 -44.92
C LEU F 262 21.29 16.48 -45.96
N PHE F 263 20.02 16.81 -45.72
CA PHE F 263 19.18 17.41 -46.75
C PHE F 263 18.94 18.89 -46.53
N GLU F 264 18.65 19.29 -45.29
CA GLU F 264 18.31 20.67 -44.95
C GLU F 264 19.21 21.19 -43.84
N ASN F 265 20.52 20.98 -44.00
CA ASN F 265 21.47 21.47 -43.02
C ASN F 265 21.43 22.99 -42.95
N VAL F 266 21.15 23.52 -41.76
CA VAL F 266 21.05 24.95 -41.52
C VAL F 266 21.84 25.28 -40.25
N GLN F 267 21.78 26.56 -39.85
CA GLN F 267 22.58 27.01 -38.72
C GLN F 267 22.17 26.32 -37.43
N CYS F 268 20.87 26.11 -37.24
CA CYS F 268 20.38 25.37 -36.08
C CYS F 268 19.19 24.54 -36.49
N TRP F 269 19.11 23.33 -35.96
CA TRP F 269 18.04 22.40 -36.33
C TRP F 269 16.69 22.79 -35.75
N THR F 270 16.63 23.79 -34.87
CA THR F 270 15.34 24.23 -34.34
C THR F 270 14.43 24.75 -35.45
N SER F 271 14.99 25.51 -36.38
CA SER F 271 14.20 26.06 -37.47
C SER F 271 13.70 24.94 -38.38
N ASN F 272 12.44 25.07 -38.82
CA ASN F 272 11.81 24.10 -39.69
C ASN F 272 11.33 24.81 -40.96
N ASP F 273 11.68 24.26 -42.11
CA ASP F 273 11.32 24.84 -43.39
C ASP F 273 10.35 23.99 -44.18
N ASN F 274 10.69 22.71 -44.41
CA ASN F 274 9.84 21.80 -45.17
C ASN F 274 9.17 20.84 -44.21
N MET F 275 7.85 20.67 -44.37
CA MET F 275 7.08 19.79 -43.50
C MET F 275 7.38 18.32 -43.73
N GLY F 276 8.13 17.98 -44.78
CA GLY F 276 8.41 16.58 -45.06
C GLY F 276 9.12 15.88 -43.93
N PHE F 277 10.12 16.53 -43.34
CA PHE F 277 10.86 15.97 -42.21
C PHE F 277 10.29 16.40 -40.86
N TRP F 278 9.20 17.16 -40.85
CA TRP F 278 8.52 17.52 -39.61
C TRP F 278 7.36 16.58 -39.29
N TRP F 279 6.62 16.15 -40.31
CA TRP F 279 5.54 15.19 -40.08
C TRP F 279 6.06 13.84 -39.65
N ILE F 280 7.22 13.43 -40.17
CA ILE F 280 7.80 12.15 -39.76
C ILE F 280 8.16 12.14 -38.29
N LEU F 281 8.27 13.32 -37.67
CA LEU F 281 8.53 13.43 -36.24
C LEU F 281 7.27 13.75 -35.45
N ARG F 282 6.28 14.40 -36.06
CA ARG F 282 5.01 14.64 -35.40
C ARG F 282 4.14 13.40 -35.33
N PHE F 283 4.30 12.46 -36.27
CA PHE F 283 3.42 11.31 -36.35
C PHE F 283 3.40 10.47 -35.08
N PRO F 284 4.53 10.10 -34.47
CA PRO F 284 4.43 9.34 -33.21
C PRO F 284 3.66 10.08 -32.12
N VAL F 285 3.84 11.39 -32.01
CA VAL F 285 3.12 12.15 -30.99
C VAL F 285 1.62 12.13 -31.26
N PHE F 286 1.22 12.34 -32.52
CA PHE F 286 -0.19 12.32 -32.85
C PHE F 286 -0.80 10.95 -32.61
N LEU F 287 -0.08 9.88 -32.98
CA LEU F 287 -0.58 8.53 -32.74
C LEU F 287 -0.74 8.27 -31.24
N ALA F 288 0.26 8.68 -30.44
CA ALA F 288 0.17 8.49 -29.00
C ALA F 288 -1.02 9.25 -28.43
N ILE F 289 -1.23 10.49 -28.87
CA ILE F 289 -2.36 11.27 -28.37
C ILE F 289 -3.68 10.62 -28.74
N LEU F 290 -3.81 10.15 -29.98
CA LEU F 290 -5.05 9.52 -30.40
C LEU F 290 -5.35 8.26 -29.61
N ILE F 291 -4.36 7.38 -29.48
CA ILE F 291 -4.58 6.12 -28.76
C ILE F 291 -4.85 6.40 -27.29
N ASN F 292 -4.16 7.38 -26.72
CA ASN F 292 -4.38 7.71 -25.31
C ASN F 292 -5.76 8.32 -25.10
N PHE F 293 -6.26 9.10 -26.05
CA PHE F 293 -7.62 9.62 -25.93
C PHE F 293 -8.65 8.50 -26.03
N PHE F 294 -8.42 7.53 -26.93
CA PHE F 294 -9.32 6.38 -26.99
C PHE F 294 -9.31 5.61 -25.68
N ILE F 295 -8.13 5.41 -25.09
CA ILE F 295 -8.05 4.74 -23.80
C ILE F 295 -8.76 5.56 -22.73
N PHE F 296 -8.63 6.89 -22.79
CA PHE F 296 -9.28 7.75 -21.82
C PHE F 296 -10.80 7.63 -21.90
N VAL F 297 -11.36 7.63 -23.10
CA VAL F 297 -12.81 7.53 -23.22
C VAL F 297 -13.27 6.14 -22.78
N ARG F 298 -12.47 5.10 -23.07
CA ARG F 298 -12.83 3.77 -22.59
C ARG F 298 -12.84 3.71 -21.07
N ILE F 299 -11.82 4.29 -20.43
CA ILE F 299 -11.75 4.26 -18.96
C ILE F 299 -12.88 5.09 -18.36
N VAL F 300 -13.26 6.20 -19.00
CA VAL F 300 -14.40 6.97 -18.51
C VAL F 300 -15.69 6.15 -18.62
N GLN F 301 -15.88 5.47 -19.75
CA GLN F 301 -17.05 4.61 -19.90
C GLN F 301 -17.08 3.51 -18.86
N LEU F 302 -15.90 3.02 -18.46
CA LEU F 302 -15.86 2.02 -17.39
C LEU F 302 -16.17 2.65 -16.04
N LEU F 303 -15.60 3.83 -15.77
CA LEU F 303 -15.73 4.45 -14.46
C LEU F 303 -17.15 4.91 -14.18
N VAL F 304 -17.87 5.37 -15.20
CA VAL F 304 -19.26 5.77 -14.98
C VAL F 304 -20.09 4.55 -14.58
N ALA F 305 -19.78 3.39 -15.15
CA ALA F 305 -20.50 2.16 -14.78
C ALA F 305 -20.23 1.79 -13.33
N LYS F 306 -18.98 1.92 -12.88
CA LYS F 306 -18.66 1.58 -11.50
C LYS F 306 -19.27 2.53 -10.49
N LEU F 307 -19.68 3.72 -10.93
CA LEU F 307 -20.31 4.69 -10.04
C LEU F 307 -21.82 4.78 -10.21
N ARG F 308 -22.37 4.22 -11.29
CA ARG F 308 -23.81 4.22 -11.49
C ARG F 308 -24.53 3.14 -10.70
N ALA F 309 -23.79 2.24 -10.05
CA ALA F 309 -24.40 1.17 -9.27
C ALA F 309 -23.46 0.79 -8.14
N ARG F 310 -24.03 0.16 -7.11
CA ARG F 310 -23.34 -0.39 -5.95
C ARG F 310 -22.77 0.69 -5.04
N GLN F 311 -22.89 1.97 -5.42
CA GLN F 311 -22.39 3.06 -4.61
C GLN F 311 -23.55 3.88 -4.05
N MET F 312 -23.30 4.52 -2.92
CA MET F 312 -24.32 5.29 -2.21
C MET F 312 -24.15 6.78 -2.54
N HIS F 313 -25.19 7.37 -3.09
CA HIS F 313 -25.16 8.79 -3.45
C HIS F 313 -26.57 9.34 -3.57
N TYR F 317 -22.97 12.15 -6.92
CA TYR F 317 -21.82 11.36 -7.33
C TYR F 317 -21.08 12.03 -8.50
N LYS F 318 -21.68 13.10 -9.02
CA LYS F 318 -21.05 13.82 -10.14
C LYS F 318 -19.74 14.46 -9.73
N PHE F 319 -19.58 14.80 -8.45
CA PHE F 319 -18.34 15.40 -7.98
C PHE F 319 -17.17 14.43 -8.15
N ARG F 320 -17.37 13.17 -7.76
CA ARG F 320 -16.31 12.17 -7.87
C ARG F 320 -15.96 11.91 -9.33
N LEU F 321 -16.97 11.81 -10.20
CA LEU F 321 -16.71 11.61 -11.62
C LEU F 321 -15.95 12.78 -12.22
N ALA F 322 -16.34 14.01 -11.85
CA ALA F 322 -15.62 15.17 -12.34
C ALA F 322 -14.20 15.22 -11.79
N LYS F 323 -14.03 14.92 -10.49
CA LYS F 323 -12.70 14.94 -9.91
C LYS F 323 -11.81 13.85 -10.51
N SER F 324 -12.38 12.67 -10.77
CA SER F 324 -11.61 11.60 -11.37
C SER F 324 -11.12 11.97 -12.77
N THR F 325 -11.96 12.63 -13.55
CA THR F 325 -11.55 13.05 -14.88
C THR F 325 -10.42 14.07 -14.82
N LEU F 326 -10.51 15.02 -13.88
CA LEU F 326 -9.48 16.05 -13.78
C LEU F 326 -8.17 15.52 -13.21
N THR F 327 -8.19 14.37 -12.54
CA THR F 327 -6.96 13.77 -12.03
C THR F 327 -6.43 12.68 -12.95
N LEU F 328 -7.02 12.52 -14.13
CA LEU F 328 -6.59 11.50 -15.08
C LEU F 328 -6.13 12.06 -16.41
N ILE F 329 -6.69 13.19 -16.86
CA ILE F 329 -6.26 13.78 -18.13
C ILE F 329 -4.78 14.13 -18.14
N PRO F 330 -4.22 14.83 -17.13
CA PRO F 330 -2.78 15.11 -17.17
C PRO F 330 -1.92 13.86 -17.16
N LEU F 331 -2.33 12.81 -16.45
CA LEU F 331 -1.58 11.56 -16.48
C LEU F 331 -1.56 10.94 -17.86
N LEU F 332 -2.68 10.94 -18.57
CA LEU F 332 -2.75 10.43 -19.93
C LEU F 332 -2.43 11.50 -20.97
N GLY F 333 -2.40 12.77 -20.59
CA GLY F 333 -2.06 13.82 -21.52
C GLY F 333 -2.98 13.91 -22.71
N VAL F 334 -4.28 13.76 -22.49
CA VAL F 334 -5.26 13.75 -23.58
C VAL F 334 -5.89 15.12 -23.78
N HIS F 335 -5.40 16.15 -23.10
CA HIS F 335 -5.96 17.49 -23.30
C HIS F 335 -5.50 18.13 -24.59
N GLU F 336 -4.43 17.62 -25.20
CA GLU F 336 -3.93 18.22 -26.44
C GLU F 336 -4.97 18.14 -27.54
N VAL F 337 -5.70 17.03 -27.59
CA VAL F 337 -6.74 16.85 -28.60
C VAL F 337 -7.82 17.94 -28.53
N VAL F 338 -7.99 18.55 -27.36
CA VAL F 338 -8.96 19.62 -27.22
C VAL F 338 -8.45 20.85 -27.94
N PHE F 339 -7.16 21.15 -27.79
CA PHE F 339 -6.56 22.27 -28.52
C PHE F 339 -6.61 22.04 -30.01
N ALA F 340 -6.48 20.78 -30.44
CA ALA F 340 -6.57 20.46 -31.85
C ALA F 340 -7.96 20.74 -32.38
N PHE F 341 -8.98 20.47 -31.57
CA PHE F 341 -10.35 20.72 -31.98
C PHE F 341 -10.64 22.22 -31.94
N VAL F 342 -9.95 22.93 -31.07
CA VAL F 342 -10.15 24.37 -30.94
C VAL F 342 -9.39 25.13 -32.01
N GLY F 349 -10.35 36.05 -26.99
CA GLY F 349 -10.92 35.32 -28.11
C GLY F 349 -10.03 35.30 -29.34
N THR F 350 -8.82 35.83 -29.20
CA THR F 350 -7.85 35.81 -30.29
C THR F 350 -7.53 34.38 -30.70
N LEU F 351 -7.49 34.12 -32.01
CA LEU F 351 -7.19 32.78 -32.49
C LEU F 351 -5.71 32.44 -32.33
N ARG F 352 -4.88 33.44 -32.07
CA ARG F 352 -3.46 33.20 -31.92
C ARG F 352 -2.98 33.45 -30.51
N SER F 353 -2.86 34.72 -30.11
CA SER F 353 -2.35 35.07 -28.79
C SER F 353 -2.95 34.25 -27.64
N ALA F 354 -4.26 34.31 -27.49
CA ALA F 354 -4.92 33.61 -26.40
C ALA F 354 -4.68 32.10 -26.49
N LYS F 355 -4.83 31.55 -27.69
CA LYS F 355 -4.62 30.12 -27.88
C LYS F 355 -3.21 29.73 -27.49
N LEU F 356 -2.21 30.45 -27.97
CA LEU F 356 -0.82 30.14 -27.67
C LEU F 356 -0.62 30.15 -26.17
N PHE F 357 -1.01 31.24 -25.52
CA PHE F 357 -0.79 31.37 -24.09
C PHE F 357 -1.36 30.17 -23.35
N PHE F 358 -2.61 29.81 -23.65
CA PHE F 358 -3.24 28.66 -23.01
C PHE F 358 -2.44 27.38 -23.23
N ASP F 359 -2.09 27.10 -24.50
CA ASP F 359 -1.47 25.83 -24.83
C ASP F 359 -0.07 25.74 -24.23
N LEU F 360 0.73 26.80 -24.35
CA LEU F 360 2.07 26.78 -23.78
C LEU F 360 2.03 26.71 -22.27
N PHE F 361 1.11 27.43 -21.63
CA PHE F 361 1.00 27.36 -20.18
C PHE F 361 0.65 25.94 -19.72
N LEU F 362 -0.33 25.32 -20.37
CA LEU F 362 -0.71 23.96 -19.99
C LEU F 362 0.41 22.97 -20.26
N SER F 363 1.09 23.09 -21.40
CA SER F 363 2.18 22.18 -21.72
C SER F 363 3.32 22.31 -20.71
N SER F 364 3.66 23.55 -20.33
CA SER F 364 4.72 23.75 -19.35
C SER F 364 4.32 23.23 -17.98
N PHE F 365 3.08 23.44 -17.57
CA PHE F 365 2.65 23.07 -16.22
C PHE F 365 2.14 21.65 -16.12
N GLN F 366 2.10 20.91 -17.23
CA GLN F 366 1.65 19.51 -17.17
C GLN F 366 2.56 18.69 -16.25
N GLY F 367 3.87 18.86 -16.37
CA GLY F 367 4.79 18.14 -15.52
C GLY F 367 4.63 18.50 -14.06
N LEU F 368 4.50 19.80 -13.77
CA LEU F 368 4.27 20.24 -12.40
C LEU F 368 3.00 19.63 -11.83
N LEU F 369 1.91 19.67 -12.60
CA LEU F 369 0.64 19.18 -12.08
C LEU F 369 0.69 17.67 -11.87
N VAL F 370 1.30 16.93 -12.80
CA VAL F 370 1.39 15.49 -12.64
C VAL F 370 2.25 15.14 -11.43
N ALA F 371 3.36 15.85 -11.25
CA ALA F 371 4.22 15.60 -10.10
C ALA F 371 3.50 15.88 -8.79
N VAL F 372 2.75 16.97 -8.71
CA VAL F 372 2.06 17.28 -7.47
C VAL F 372 0.84 16.39 -7.25
N LEU F 373 0.29 15.82 -8.32
CA LEU F 373 -0.95 15.05 -8.23
C LEU F 373 -0.70 13.57 -7.93
N TYR F 374 0.25 12.96 -8.63
CA TYR F 374 0.45 11.52 -8.54
C TYR F 374 1.60 11.12 -7.62
N CYS F 375 2.18 12.07 -6.88
CA CYS F 375 3.25 11.73 -5.97
C CYS F 375 3.16 12.40 -4.60
N PHE F 376 2.32 13.42 -4.42
CA PHE F 376 2.16 14.03 -3.10
C PHE F 376 0.75 13.89 -2.54
N LEU F 377 -0.28 14.02 -3.39
CA LEU F 377 -1.64 14.09 -2.88
C LEU F 377 -2.16 12.73 -2.43
N ASN F 378 -1.72 11.66 -3.07
CA ASN F 378 -2.33 10.36 -2.81
C ASN F 378 -1.95 9.82 -1.44
N LYS F 379 -2.85 8.98 -0.89
CA LYS F 379 -2.71 8.54 0.49
C LYS F 379 -1.54 7.58 0.66
N GLU F 380 -1.22 6.78 -0.36
CA GLU F 380 -0.12 5.83 -0.23
C GLU F 380 1.21 6.53 -0.03
N VAL F 381 1.33 7.80 -0.42
CA VAL F 381 2.56 8.55 -0.14
C VAL F 381 2.32 9.43 1.07
N GLN F 382 1.08 9.86 1.28
CA GLN F 382 0.79 10.72 2.43
C GLN F 382 1.07 10.01 3.74
N SER F 383 0.59 8.78 3.87
CA SER F 383 0.81 8.02 5.09
C SER F 383 2.29 7.72 5.29
N GLU F 384 3.00 7.36 4.21
CA GLU F 384 4.42 7.09 4.32
C GLU F 384 5.20 8.33 4.76
N LEU F 385 4.87 9.48 4.19
CA LEU F 385 5.54 10.72 4.58
C LEU F 385 5.23 11.08 6.04
N ARG F 386 3.98 10.87 6.46
CA ARG F 386 3.63 11.14 7.85
C ARG F 386 4.41 10.25 8.80
N ARG F 387 4.52 8.96 8.46
CA ARG F 387 5.29 8.04 9.30
C ARG F 387 6.77 8.44 9.34
N ARG F 388 7.32 8.80 8.18
CA ARG F 388 8.73 9.19 8.14
C ARG F 388 8.98 10.45 8.96
N TRP F 389 8.08 11.43 8.88
CA TRP F 389 8.25 12.64 9.66
C TRP F 389 8.07 12.37 11.16
N HIS F 390 7.13 11.49 11.52
CA HIS F 390 6.97 11.12 12.92
C HIS F 390 8.24 10.45 13.45
N ARG F 391 8.85 9.58 12.65
CA ARG F 391 10.11 8.97 13.05
C ARG F 391 11.22 10.01 13.16
N TRP F 392 11.27 10.96 12.22
CA TRP F 392 12.29 11.99 12.22
C TRP F 392 11.83 13.21 13.01
#